data_8DK3
#
_entry.id   8DK3
#
_cell.length_a   1.00
_cell.length_b   1.00
_cell.length_c   1.00
_cell.angle_alpha   90.00
_cell.angle_beta   90.00
_cell.angle_gamma   90.00
#
_symmetry.space_group_name_H-M   'P 1'
#
loop_
_entity.id
_entity.type
_entity.pdbx_description
1 polymer JetC
2 polymer JetA
3 polymer 'DNA (26-MER)'
4 polymer 'DNA (26-MER)'
5 non-polymer 'PHOSPHOTHIOPHOSPHORIC ACID-ADENYLATE ESTER'
6 non-polymer 'MAGNESIUM ION'
#
loop_
_entity_poly.entity_id
_entity_poly.type
_entity_poly.pdbx_seq_one_letter_code
_entity_poly.pdbx_strand_id
1 'polypeptide(L)'
;MKSSHHHHHHENLYFQSNAKQALLWRDSETFILTSIELYNWGGFQGYHRAEIDPSGTAVIGPTGSGKTTLVDALMTLLCA
NPRYNLASTGGHESDRDLVSYVRGVTGPGDGGVEQSHIARQGKTVTAIAATLERDGAQVRLGAVLWFEGTSSSASDLKKL
WLLSESPEQTLEHWLSQHHAGGMRALRQMEKDGMGIWPYPSKKAFLARLRDYFEVGENAFTLLNRAAGLKQLNSIDEIFR
ELVLDDRSAFERAAEVASSFDDLTDIHRELETARKQQRSLQPVADGWERYRALQEQLQDKQALEGILPVWFAEQGYRLWL
AETNRLEKEHKQAELDQAQCRSQLEIQKGVVDQHRQRYLRVGGAGIDQLRGRIADWVRECDKRRLKAEQYQRLAKGLGLA
DELSAAALEENQQQIAARLEILAQQTTDARQKAFDAGLVQQELNGRLQSLQQERAEVERRPGSNLPGHFHAFRGDLAQEL
GVDESALPFVAELVQVKPEELAWRGAIERAIGSHRLRILVPQGSSQAALRWVNQRHNRLHVRLLEVKEPSSRPVFFDDGF
TRKLTFKEHPYREAVKALLADNDRHCVESTEQLRHTPHAMTAQGLMSGKERFFDKQDQKRLDEDWLTGFDNRDRLAFLAE
QIREVNEQLVPAKLALDAAQGDVGQLESQASLLQRIEELQFDDIDRPGAERQLQSLRTQLDTLTRPDSNLAVIKAELDQA
EALRESLDQQLQRLIEQCVQLKTQFDQAASATRKAYRGAEKGLSDTQRELAQAHFPILSTDDLGDIDELERKHTRELQGQ
LKTLGEKLGDQKTELAKRMSDALKADTGALAEVGRELVDVPRYLERLRVLTEEALPEKLKRFLEYLNRSSDDGVTQLLSY
IDHEVSMIEERLDDLNSTMQRVDFQPGRYLRLVAKKVIHESLRTLQHAQRQLNSARFIDDEGESHYKALQALVGLLKDAC
EHSRNQGAKALLDPRFRLEFAVSVIDREGNNLIETRTGSQGGSGGEKEIIASYVLTASLSYALCPDGSSRPLFGTIVLDQ
AFSRSSHAVAGRIIAALREFGLHAVFITPNKEMRLLRHHTRSAVVVHRRGVESSLVSLSWEALDEHHQQRIRAMHEVAH
;
A,B
2 'polypeptide(L)'
;MKSSHHHHHHENLYFQSNAEESAQQRSERYVSARSQHPAWLLLASRRAPLVLGCLRTLFERAHDGIPMEDALQALSEMLA
AYASQELYEIDPDATHLQAGRELREWIKRRLVVEREGRIYATDALESAIQFVDSLDSRIMTSTASRLSVVQREIENLETG
LNPSPTGRIASLRRRIQDLEHELARVEAGHVDVLDEAQAIEGMREVYNLATSLRADFRRVEDSWREADRALRHSIISEQS
HRGEIVDRLLDGQDALLNTPEGRVFESFQQQLRQSAELEVMRERLRTILRHPAVPKALNRPQQRELRWLALRLVRESQAV
LQARARSERDVRGFMKTGLAAEHHRVGQLLNDFFNLALSVDWQRQSERRKPACLPPVGVAITGVPAIERLRFKTLDDDDA
GELDLSLKPAGLEQIDDDFWDAFDGLDREALIHDTLAVLVEQGRPVSLGELASLLPPAHDLETFALWLAMAREAGIEVLT
EERQFVELVDEDEQRWGFNLPYVGLDHEALKDIDWEL
;
C
3 'polydeoxyribonucleotide'
;(DT)(DT)(DT)(DT)(DT)(DT)(DT)(DT)(DT)(DT)(DT)(DT)(DT)(DT)(DT)(DT)(DT)(DT)(DT)(DT)
(DT)(DT)(DT)(DT)(DT)(DT)
;
P
4 'polydeoxyribonucleotide'
;(DA)(DA)(DA)(DA)(DA)(DA)(DA)(DA)(DA)(DA)(DA)(DA)(DA)(DA)(DA)(DA)(DA)(DA)(DA)(DA)
(DA)(DA)(DA)(DA)(DA)(DA)
;
Q
#
loop_
_chem_comp.id
_chem_comp.type
_chem_comp.name
_chem_comp.formula
AGS non-polymer 'PHOSPHOTHIOPHOSPHORIC ACID-ADENYLATE ESTER' 'C10 H16 N5 O12 P3 S'
DA DNA linking 2'-DEOXYADENOSINE-5'-MONOPHOSPHATE 'C10 H14 N5 O6 P'
DT DNA linking THYMIDINE-5'-MONOPHOSPHATE 'C10 H15 N2 O8 P'
MG non-polymer 'MAGNESIUM ION' 'Mg 2'
#
# COMPACT_ATOMS: atom_id res chain seq x y z
N SER A 28 31.50 -22.09 2.74
CA SER A 28 32.77 -21.99 3.44
C SER A 28 32.57 -22.19 4.94
N GLU A 29 31.96 -21.21 5.59
CA GLU A 29 31.61 -21.31 7.00
C GLU A 29 30.28 -20.63 7.30
N THR A 30 29.35 -20.67 6.36
CA THR A 30 28.05 -20.05 6.53
C THR A 30 26.96 -21.02 6.12
N PHE A 31 26.01 -21.27 7.03
CA PHE A 31 24.89 -22.12 6.70
C PHE A 31 23.94 -21.42 5.75
N ILE A 32 23.30 -22.21 4.89
CA ILE A 32 22.33 -21.71 3.93
C ILE A 32 21.18 -22.70 3.80
N LEU A 33 19.98 -22.16 3.60
CA LEU A 33 18.80 -23.01 3.45
C LEU A 33 18.89 -23.83 2.18
N THR A 34 18.47 -25.10 2.24
CA THR A 34 18.54 -25.96 1.07
C THR A 34 17.23 -26.67 0.77
N SER A 35 16.41 -26.96 1.78
CA SER A 35 15.20 -27.73 1.56
C SER A 35 14.17 -27.41 2.63
N ILE A 36 12.93 -27.80 2.37
CA ILE A 36 11.83 -27.53 3.29
C ILE A 36 10.70 -28.49 2.95
N GLU A 37 10.10 -29.09 3.99
CA GLU A 37 9.11 -30.14 3.83
C GLU A 37 7.82 -29.78 4.56
N LEU A 38 6.73 -30.40 4.13
CA LEU A 38 5.42 -30.14 4.72
C LEU A 38 4.67 -31.46 4.90
N TYR A 39 3.66 -31.42 5.77
CA TYR A 39 2.75 -32.56 5.94
C TYR A 39 1.46 -32.02 6.55
N ASN A 40 0.38 -32.08 5.78
CA ASN A 40 -0.93 -31.66 6.27
C ASN A 40 -0.89 -30.25 6.81
N TRP A 41 -0.16 -29.37 6.14
CA TRP A 41 -0.02 -27.98 6.55
C TRP A 41 -0.76 -27.09 5.57
N GLY A 42 -1.66 -26.26 6.10
CA GLY A 42 -2.45 -25.40 5.22
C GLY A 42 -3.24 -26.20 4.23
N GLY A 43 -3.17 -25.81 2.96
CA GLY A 43 -3.84 -26.53 1.91
C GLY A 43 -3.09 -27.71 1.34
N PHE A 44 -1.82 -27.89 1.69
CA PHE A 44 -1.04 -29.01 1.19
C PHE A 44 -1.40 -30.25 2.00
N GLN A 45 -1.98 -31.24 1.34
CA GLN A 45 -2.39 -32.47 1.99
C GLN A 45 -1.44 -33.60 1.62
N GLY A 46 -1.03 -34.37 2.60
CA GLY A 46 -0.12 -35.48 2.38
C GLY A 46 1.32 -35.10 2.70
N TYR A 47 2.22 -35.34 1.76
CA TYR A 47 3.63 -35.08 1.93
C TYR A 47 4.17 -34.33 0.72
N HIS A 48 4.90 -33.25 0.96
CA HIS A 48 5.44 -32.43 -0.11
C HIS A 48 6.81 -31.89 0.31
N ARG A 49 7.60 -31.47 -0.67
CA ARG A 49 8.88 -30.86 -0.39
C ARG A 49 9.33 -30.04 -1.58
N ALA A 50 10.28 -29.14 -1.34
CA ALA A 50 10.87 -28.31 -2.37
C ALA A 50 12.35 -28.14 -2.10
N GLU A 51 13.13 -28.04 -3.18
CA GLU A 51 14.58 -27.89 -3.08
C GLU A 51 14.98 -26.48 -3.46
N ILE A 52 15.99 -25.95 -2.78
CA ILE A 52 16.44 -24.58 -2.95
C ILE A 52 17.92 -24.56 -3.25
N ASP A 53 18.30 -23.93 -4.35
CA ASP A 53 19.68 -23.86 -4.81
C ASP A 53 20.48 -22.86 -3.98
N PRO A 54 21.77 -23.12 -3.77
CA PRO A 54 22.62 -22.20 -3.02
C PRO A 54 23.06 -20.96 -3.79
N SER A 55 22.42 -20.63 -4.92
CA SER A 55 22.72 -19.38 -5.62
C SER A 55 21.45 -18.59 -5.90
N GLY A 56 20.48 -18.65 -5.00
CA GLY A 56 19.27 -17.87 -5.15
C GLY A 56 18.24 -18.51 -6.05
N THR A 57 16.98 -18.56 -5.59
CA THR A 57 15.89 -19.14 -6.36
C THR A 57 14.71 -18.19 -6.37
N ALA A 58 13.71 -18.53 -7.16
CA ALA A 58 12.49 -17.74 -7.28
C ALA A 58 11.28 -18.65 -7.21
N VAL A 59 10.19 -18.13 -6.65
CA VAL A 59 8.95 -18.87 -6.49
C VAL A 59 7.86 -18.17 -7.30
N ILE A 60 7.24 -18.90 -8.22
CA ILE A 60 6.28 -18.32 -9.14
C ILE A 60 5.02 -19.16 -9.15
N GLY A 61 3.91 -18.56 -9.59
CA GLY A 61 2.65 -19.24 -9.65
C GLY A 61 1.48 -18.27 -9.66
N PRO A 62 0.32 -18.73 -10.12
CA PRO A 62 -0.84 -17.83 -10.26
C PRO A 62 -1.30 -17.30 -8.92
N THR A 63 -2.25 -16.37 -8.98
CA THR A 63 -2.78 -15.74 -7.77
C THR A 63 -3.59 -16.73 -6.95
N GLY A 64 -3.36 -16.71 -5.64
CA GLY A 64 -4.06 -17.63 -4.76
C GLY A 64 -3.71 -19.07 -5.05
N SER A 65 -2.47 -19.47 -4.77
CA SER A 65 -2.07 -20.84 -5.03
C SER A 65 -1.33 -21.45 -3.85
N GLY A 66 -0.65 -20.64 -3.05
CA GLY A 66 0.06 -21.17 -1.90
C GLY A 66 1.45 -20.63 -1.69
N LYS A 67 1.80 -19.53 -2.35
CA LYS A 67 3.15 -18.99 -2.21
C LYS A 67 3.40 -18.53 -0.78
N THR A 68 2.46 -17.82 -0.18
CA THR A 68 2.68 -17.28 1.16
C THR A 68 2.65 -18.36 2.24
N THR A 69 2.02 -19.50 1.96
CA THR A 69 1.94 -20.55 2.97
C THR A 69 3.30 -21.12 3.31
N LEU A 70 4.16 -21.31 2.31
CA LEU A 70 5.51 -21.80 2.58
C LEU A 70 6.28 -20.82 3.45
N VAL A 71 6.16 -19.54 3.16
CA VAL A 71 6.86 -18.54 3.95
C VAL A 71 6.38 -18.56 5.39
N ASP A 72 5.06 -18.68 5.59
CA ASP A 72 4.55 -18.76 6.95
C ASP A 72 5.08 -19.99 7.67
N ALA A 73 5.14 -21.13 6.97
CA ALA A 73 5.65 -22.35 7.58
C ALA A 73 7.11 -22.19 7.98
N LEU A 74 7.89 -21.46 7.18
CA LEU A 74 9.27 -21.20 7.58
C LEU A 74 9.33 -20.26 8.78
N MET A 75 8.52 -19.20 8.77
CA MET A 75 8.61 -18.19 9.82
C MET A 75 8.17 -18.72 11.17
N THR A 76 7.27 -19.70 11.17
CA THR A 76 6.79 -20.26 12.44
C THR A 76 7.92 -20.87 13.25
N LEU A 77 8.98 -21.35 12.60
CA LEU A 77 10.04 -22.03 13.32
C LEU A 77 11.08 -21.11 13.91
N LEU A 78 11.05 -19.80 13.63
CA LEU A 78 12.15 -18.93 14.01
C LEU A 78 11.78 -17.90 15.05
N CYS A 79 10.76 -17.09 14.82
CA CYS A 79 10.46 -15.99 15.72
C CYS A 79 9.53 -16.45 16.84
N ALA A 80 9.58 -15.71 17.95
CA ALA A 80 8.76 -16.06 19.11
C ALA A 80 7.30 -15.65 18.95
N ASN A 81 7.00 -14.77 18.01
CA ASN A 81 5.61 -14.37 17.80
C ASN A 81 5.44 -13.86 16.38
N PRO A 82 5.15 -14.73 15.43
CA PRO A 82 5.13 -14.33 14.03
C PRO A 82 3.94 -13.44 13.68
N ARG A 83 4.06 -12.79 12.53
CA ARG A 83 3.02 -11.93 11.96
C ARG A 83 2.62 -12.53 10.63
N TYR A 84 1.57 -13.34 10.61
CA TYR A 84 1.20 -14.08 9.42
C TYR A 84 0.58 -13.17 8.36
N ASN A 85 0.89 -13.47 7.10
CA ASN A 85 0.36 -12.74 5.96
C ASN A 85 0.65 -11.24 6.07
N LEU A 86 1.91 -10.92 6.37
CA LEU A 86 2.25 -9.53 6.64
C LEU A 86 2.24 -8.68 5.37
N ALA A 87 2.77 -9.20 4.27
CA ALA A 87 3.01 -8.37 3.10
C ALA A 87 1.72 -7.97 2.38
N SER A 88 0.60 -8.63 2.66
CA SER A 88 -0.63 -8.33 1.93
C SER A 88 -1.10 -6.91 2.22
N THR A 89 -1.02 -6.48 3.47
CA THR A 89 -1.49 -5.15 3.86
C THR A 89 -0.40 -4.09 3.78
N GLY A 90 0.80 -4.46 3.35
CA GLY A 90 1.90 -3.52 3.27
C GLY A 90 2.67 -3.32 4.54
N GLY A 91 2.30 -4.00 5.62
CA GLY A 91 3.02 -3.86 6.87
C GLY A 91 2.19 -3.13 7.92
N HIS A 92 0.88 -3.31 7.88
CA HIS A 92 -0.02 -2.63 8.80
C HIS A 92 -0.89 -3.55 9.63
N GLU A 93 -1.07 -4.80 9.23
CA GLU A 93 -1.99 -5.67 9.94
C GLU A 93 -1.73 -7.14 9.58
N SER A 94 -1.86 -8.01 10.58
CA SER A 94 -1.80 -9.45 10.41
C SER A 94 -3.19 -10.04 10.62
N ASP A 95 -3.49 -11.12 9.88
CA ASP A 95 -4.88 -11.54 9.82
C ASP A 95 -5.05 -13.06 9.81
N ARG A 96 -4.12 -13.82 10.41
CA ARG A 96 -4.29 -15.26 10.45
C ARG A 96 -3.69 -15.80 11.75
N ASP A 97 -4.09 -17.03 12.09
CA ASP A 97 -3.68 -17.66 13.33
C ASP A 97 -3.25 -19.11 13.06
N LEU A 98 -2.53 -19.66 14.04
CA LEU A 98 -1.92 -20.97 13.86
C LEU A 98 -2.95 -22.08 13.68
N VAL A 99 -4.04 -22.03 14.43
CA VAL A 99 -5.03 -23.10 14.39
C VAL A 99 -5.68 -23.17 13.01
N SER A 100 -5.87 -22.03 12.37
CA SER A 100 -6.45 -22.04 11.03
C SER A 100 -5.56 -22.80 10.06
N TYR A 101 -4.26 -22.59 10.13
CA TYR A 101 -3.35 -23.35 9.29
C TYR A 101 -3.40 -24.84 9.64
N VAL A 102 -3.43 -25.16 10.93
CA VAL A 102 -3.38 -26.58 11.32
C VAL A 102 -4.60 -27.32 10.81
N ARG A 103 -5.78 -26.74 10.96
CA ARG A 103 -7.00 -27.37 10.48
C ARG A 103 -7.29 -27.07 9.02
N GLY A 104 -6.62 -26.08 8.43
CA GLY A 104 -6.74 -25.85 7.00
C GLY A 104 -8.09 -25.34 6.53
N VAL A 105 -8.45 -24.12 6.91
CA VAL A 105 -9.66 -23.51 6.41
C VAL A 105 -9.42 -22.98 5.00
N THR A 106 -10.51 -22.76 4.27
CA THR A 106 -10.43 -22.29 2.89
C THR A 106 -11.45 -21.21 2.61
N GLY A 107 -11.57 -20.24 3.51
CA GLY A 107 -12.44 -19.12 3.28
C GLY A 107 -13.35 -18.81 4.44
N PRO A 108 -14.33 -17.92 4.23
CA PRO A 108 -15.25 -17.53 5.29
C PRO A 108 -16.43 -18.47 5.48
N GLY A 109 -16.59 -19.46 4.63
CA GLY A 109 -17.65 -20.41 4.80
C GLY A 109 -19.00 -19.85 4.41
N ASP A 110 -20.02 -20.60 4.75
CA ASP A 110 -21.39 -20.27 4.40
C ASP A 110 -22.32 -20.20 5.60
N GLY A 111 -22.14 -21.08 6.59
CA GLY A 111 -23.04 -21.13 7.72
C GLY A 111 -24.07 -22.22 7.58
N GLY A 112 -23.88 -23.32 8.29
CA GLY A 112 -24.80 -24.44 8.20
C GLY A 112 -24.47 -25.49 9.22
N VAL A 113 -25.18 -26.62 9.11
CA VAL A 113 -24.97 -27.71 10.05
C VAL A 113 -23.56 -28.27 9.91
N GLU A 114 -23.13 -28.54 8.69
CA GLU A 114 -21.82 -29.11 8.42
C GLU A 114 -20.89 -27.99 7.97
N GLN A 115 -19.80 -27.79 8.71
CA GLN A 115 -18.82 -26.76 8.37
C GLN A 115 -18.01 -27.26 7.19
N SER A 116 -18.57 -27.08 6.00
CA SER A 116 -17.97 -27.60 4.78
C SER A 116 -16.69 -26.87 4.39
N HIS A 117 -16.39 -25.73 4.99
CA HIS A 117 -15.24 -24.94 4.61
C HIS A 117 -13.99 -25.27 5.42
N ILE A 118 -14.05 -26.29 6.28
CA ILE A 118 -12.90 -26.74 7.04
C ILE A 118 -12.48 -28.11 6.51
N ALA A 119 -11.19 -28.27 6.23
CA ALA A 119 -10.72 -29.46 5.54
C ALA A 119 -10.67 -30.67 6.47
N ARG A 120 -9.87 -30.61 7.53
CA ARG A 120 -9.66 -31.74 8.42
C ARG A 120 -10.37 -31.47 9.74
N GLN A 121 -11.31 -32.33 10.08
CA GLN A 121 -12.10 -32.21 11.30
C GLN A 121 -11.91 -33.45 12.16
N GLY A 122 -11.84 -33.25 13.47
CA GLY A 122 -11.63 -34.36 14.38
C GLY A 122 -10.18 -34.50 14.78
N LYS A 123 -9.71 -35.74 14.91
CA LYS A 123 -8.33 -35.98 15.29
C LYS A 123 -7.41 -35.76 14.11
N THR A 124 -6.28 -35.08 14.35
CA THR A 124 -5.39 -34.67 13.28
C THR A 124 -3.95 -34.72 13.79
N VAL A 125 -3.00 -34.64 12.85
CA VAL A 125 -1.59 -34.55 13.18
C VAL A 125 -0.87 -33.82 12.05
N THR A 126 0.16 -33.05 12.39
CA THR A 126 0.82 -32.16 11.45
C THR A 126 2.28 -32.00 11.83
N ALA A 127 3.17 -32.03 10.84
CA ALA A 127 4.60 -31.88 11.09
C ALA A 127 5.27 -31.12 9.95
N ILE A 128 6.19 -30.23 10.31
CA ILE A 128 6.97 -29.44 9.35
C ILE A 128 8.43 -29.48 9.76
N ALA A 129 9.30 -29.25 8.80
CA ALA A 129 10.73 -29.32 9.07
C ALA A 129 11.51 -28.60 7.98
N ALA A 130 12.56 -27.89 8.38
CA ALA A 130 13.43 -27.16 7.47
C ALA A 130 14.88 -27.51 7.80
N THR A 131 15.71 -27.63 6.76
CA THR A 131 17.08 -28.10 6.92
C THR A 131 18.07 -27.09 6.35
N LEU A 132 19.15 -26.87 7.09
CA LEU A 132 20.23 -25.98 6.68
C LEU A 132 21.48 -26.81 6.43
N GLU A 133 22.36 -26.28 5.60
CA GLU A 133 23.54 -27.04 5.18
C GLU A 133 24.74 -26.12 5.08
N ARG A 134 25.92 -26.73 5.20
CA ARG A 134 27.19 -26.03 5.17
C ARG A 134 28.22 -26.98 4.58
N ASP A 135 29.48 -26.57 4.59
CA ASP A 135 30.57 -27.41 4.10
C ASP A 135 30.82 -28.52 5.11
N GLY A 136 30.35 -29.72 4.80
CA GLY A 136 30.55 -30.87 5.68
C GLY A 136 29.84 -30.78 7.02
N ALA A 137 28.59 -30.32 7.03
CA ALA A 137 27.80 -30.25 8.25
C ALA A 137 26.34 -30.18 7.87
N GLN A 138 25.48 -30.41 8.85
CA GLN A 138 24.05 -30.39 8.58
C GLN A 138 23.29 -30.20 9.90
N VAL A 139 22.28 -29.35 9.87
CA VAL A 139 21.43 -29.09 11.03
C VAL A 139 19.99 -29.06 10.56
N ARG A 140 19.10 -29.71 11.31
CA ARG A 140 17.69 -29.78 10.96
C ARG A 140 16.83 -29.30 12.12
N LEU A 141 15.82 -28.50 11.81
CA LEU A 141 14.84 -28.03 12.78
C LEU A 141 13.50 -28.70 12.49
N GLY A 142 12.61 -28.68 13.47
CA GLY A 142 11.33 -29.36 13.24
C GLY A 142 10.34 -29.09 14.35
N ALA A 143 9.10 -29.51 14.07
CA ALA A 143 8.00 -29.32 15.01
C ALA A 143 6.91 -30.34 14.72
N VAL A 144 6.18 -30.74 15.77
CA VAL A 144 5.05 -31.65 15.65
C VAL A 144 3.89 -31.08 16.47
N LEU A 145 2.70 -31.05 15.87
CA LEU A 145 1.53 -30.48 16.51
C LEU A 145 0.34 -31.38 16.23
N TRP A 146 -0.51 -31.61 17.22
CA TRP A 146 -1.64 -32.52 17.00
C TRP A 146 -2.76 -32.24 17.97
N PHE A 147 -3.99 -32.48 17.50
CA PHE A 147 -5.20 -32.41 18.32
C PHE A 147 -5.52 -33.79 18.87
N GLU A 148 -6.59 -33.85 19.66
CA GLU A 148 -7.09 -35.13 20.18
C GLU A 148 -8.59 -35.29 20.08
N GLY A 149 -9.36 -34.21 19.94
CA GLY A 149 -10.81 -34.31 19.85
C GLY A 149 -11.35 -33.10 19.12
N THR A 150 -12.67 -33.05 19.02
CA THR A 150 -13.33 -31.96 18.31
C THR A 150 -13.31 -30.72 19.17
N SER A 151 -12.32 -29.86 18.95
CA SER A 151 -12.19 -28.61 19.69
C SER A 151 -11.37 -27.65 18.85
N SER A 152 -11.39 -26.38 19.23
CA SER A 152 -10.63 -25.38 18.50
C SER A 152 -9.94 -24.37 19.40
N SER A 153 -9.96 -24.57 20.72
CA SER A 153 -9.29 -23.64 21.60
C SER A 153 -7.78 -23.75 21.44
N ALA A 154 -7.10 -22.62 21.59
CA ALA A 154 -5.66 -22.60 21.45
C ALA A 154 -4.95 -23.37 22.55
N SER A 155 -5.65 -23.75 23.61
CA SER A 155 -5.05 -24.52 24.69
C SER A 155 -5.15 -26.03 24.49
N ASP A 156 -5.84 -26.48 23.45
CA ASP A 156 -5.92 -27.90 23.13
C ASP A 156 -4.95 -28.34 22.06
N LEU A 157 -4.11 -27.43 21.57
CA LEU A 157 -3.17 -27.73 20.50
C LEU A 157 -1.84 -28.10 21.15
N LYS A 158 -1.68 -29.37 21.48
CA LYS A 158 -0.45 -29.84 22.09
C LYS A 158 0.70 -29.75 21.10
N LYS A 159 1.86 -29.34 21.58
CA LYS A 159 3.00 -29.02 20.72
C LYS A 159 4.26 -29.67 21.26
N LEU A 160 5.24 -29.82 20.37
CA LEU A 160 6.55 -30.31 20.75
C LEU A 160 7.55 -29.90 19.68
N TRP A 161 8.62 -29.22 20.08
CA TRP A 161 9.64 -28.73 19.17
C TRP A 161 10.87 -29.61 19.23
N LEU A 162 11.63 -29.61 18.13
CA LEU A 162 12.76 -30.53 17.99
C LEU A 162 13.95 -29.81 17.36
N LEU A 163 15.13 -30.37 17.61
CA LEU A 163 16.38 -29.91 17.01
C LEU A 163 17.27 -31.12 16.82
N SER A 164 17.79 -31.30 15.61
CA SER A 164 18.49 -32.52 15.26
C SER A 164 19.87 -32.22 14.70
N GLU A 165 20.77 -33.20 14.82
CA GLU A 165 22.13 -33.06 14.31
C GLU A 165 22.54 -34.28 13.50
N SER A 166 21.95 -35.43 13.80
CA SER A 166 22.31 -36.66 13.12
C SER A 166 21.56 -36.78 11.78
N PRO A 167 22.11 -37.55 10.85
CA PRO A 167 21.47 -37.66 9.52
C PRO A 167 20.34 -38.66 9.44
N GLU A 168 20.22 -39.60 10.37
CA GLU A 168 19.16 -40.61 10.29
C GLU A 168 17.82 -40.12 10.80
N GLN A 169 17.77 -39.01 11.52
CA GLN A 169 16.51 -38.43 11.89
C GLN A 169 15.81 -37.87 10.66
N THR A 170 14.53 -38.17 10.52
CA THR A 170 13.78 -37.70 9.37
C THR A 170 12.32 -37.62 9.76
N LEU A 171 11.56 -36.85 8.98
CA LEU A 171 10.17 -36.57 9.32
C LEU A 171 9.36 -37.85 9.44
N GLU A 172 9.61 -38.80 8.55
CA GLU A 172 8.89 -40.07 8.61
C GLU A 172 9.18 -40.80 9.91
N HIS A 173 10.41 -40.71 10.40
CA HIS A 173 10.74 -41.37 11.67
C HIS A 173 9.93 -40.78 12.81
N TRP A 174 9.80 -39.46 12.86
CA TRP A 174 9.02 -38.83 13.91
C TRP A 174 7.56 -39.24 13.83
N LEU A 175 6.98 -39.23 12.64
CA LEU A 175 5.59 -39.65 12.52
C LEU A 175 5.42 -41.11 12.95
N SER A 176 6.39 -41.96 12.58
CA SER A 176 6.32 -43.36 12.98
C SER A 176 6.35 -43.51 14.48
N GLN A 177 7.23 -42.75 15.16
CA GLN A 177 7.27 -42.82 16.61
C GLN A 177 5.97 -42.34 17.23
N HIS A 178 5.41 -41.24 16.72
CA HIS A 178 4.19 -40.72 17.32
C HIS A 178 3.04 -41.69 17.18
N HIS A 179 2.89 -42.32 16.01
CA HIS A 179 1.72 -43.17 15.79
C HIS A 179 1.71 -44.39 16.68
N ALA A 180 2.82 -44.74 17.31
CA ALA A 180 2.91 -45.90 18.19
C ALA A 180 3.24 -45.48 19.61
N GLY A 181 2.61 -44.40 20.08
CA GLY A 181 2.87 -43.89 21.40
C GLY A 181 2.29 -42.51 21.62
N GLY A 182 3.10 -41.59 22.11
CA GLY A 182 2.65 -40.23 22.33
C GLY A 182 3.79 -39.32 22.72
N MET A 183 3.53 -38.38 23.63
CA MET A 183 4.59 -37.49 24.09
C MET A 183 5.72 -38.27 24.74
N ARG A 184 5.38 -39.31 25.52
CA ARG A 184 6.42 -40.13 26.13
C ARG A 184 7.24 -40.82 25.07
N ALA A 185 6.60 -41.32 24.02
CA ALA A 185 7.34 -41.99 22.95
C ALA A 185 8.31 -41.03 22.28
N LEU A 186 7.87 -39.80 22.01
CA LEU A 186 8.75 -38.83 21.37
C LEU A 186 9.92 -38.47 22.29
N ARG A 187 9.63 -38.17 23.55
CA ARG A 187 10.71 -37.83 24.46
C ARG A 187 11.66 -39.00 24.69
N GLN A 188 11.22 -40.22 24.43
CA GLN A 188 12.09 -41.37 24.64
C GLN A 188 13.27 -41.38 23.67
N MET A 189 13.21 -40.60 22.59
CA MET A 189 14.28 -40.65 21.58
C MET A 189 15.60 -40.15 22.14
N GLU A 190 15.56 -39.18 23.04
CA GLU A 190 16.81 -38.63 23.58
C GLU A 190 17.56 -39.64 24.44
N LYS A 191 16.83 -40.51 25.13
CA LYS A 191 17.48 -41.44 26.06
C LYS A 191 18.43 -42.38 25.33
N ASP A 192 18.03 -42.89 24.17
CA ASP A 192 18.81 -43.91 23.47
C ASP A 192 19.52 -43.39 22.23
N GLY A 193 18.99 -42.37 21.58
CA GLY A 193 19.57 -41.85 20.36
C GLY A 193 20.72 -40.91 20.63
N MET A 194 21.14 -40.20 19.59
CA MET A 194 22.17 -39.19 19.72
C MET A 194 21.83 -37.99 18.86
N GLY A 195 22.35 -36.83 19.24
CA GLY A 195 22.17 -35.63 18.44
C GLY A 195 20.71 -35.25 18.27
N ILE A 196 19.91 -35.41 19.30
CA ILE A 196 18.50 -35.02 19.26
C ILE A 196 18.16 -34.42 20.61
N TRP A 197 17.40 -33.32 20.58
CA TRP A 197 17.03 -32.59 21.81
C TRP A 197 15.61 -32.07 21.67
N PRO A 198 14.63 -32.74 22.26
CA PRO A 198 13.26 -32.22 22.24
C PRO A 198 13.00 -31.26 23.38
N TYR A 199 12.33 -30.15 23.05
CA TYR A 199 11.99 -29.12 24.04
C TYR A 199 10.49 -28.92 24.06
N PRO A 200 9.81 -29.12 25.20
CA PRO A 200 8.36 -28.88 25.24
C PRO A 200 7.99 -27.41 25.31
N SER A 201 8.91 -26.52 25.65
CA SER A 201 8.63 -25.10 25.81
C SER A 201 9.43 -24.31 24.78
N LYS A 202 8.75 -23.42 24.06
CA LYS A 202 9.39 -22.71 22.97
C LYS A 202 10.50 -21.80 23.46
N LYS A 203 10.39 -21.31 24.69
CA LYS A 203 11.37 -20.35 25.20
C LYS A 203 12.76 -20.96 25.28
N ALA A 204 12.88 -22.14 25.89
CA ALA A 204 14.16 -22.80 25.95
C ALA A 204 14.68 -23.17 24.58
N PHE A 205 13.77 -23.55 23.68
CA PHE A 205 14.16 -23.86 22.31
C PHE A 205 14.84 -22.67 21.65
N LEU A 206 14.22 -21.49 21.77
CA LEU A 206 14.80 -20.30 21.15
C LEU A 206 16.10 -19.90 21.82
N ALA A 207 16.19 -20.06 23.14
CA ALA A 207 17.45 -19.74 23.81
C ALA A 207 18.58 -20.63 23.30
N ARG A 208 18.31 -21.94 23.15
CA ARG A 208 19.32 -22.84 22.61
C ARG A 208 19.69 -22.47 21.19
N LEU A 209 18.69 -22.10 20.38
CA LEU A 209 18.95 -21.72 19.00
C LEU A 209 19.89 -20.52 18.92
N ARG A 210 19.56 -19.46 19.67
CA ARG A 210 20.39 -18.26 19.64
C ARG A 210 21.79 -18.55 20.12
N ASP A 211 21.94 -19.37 21.16
CA ASP A 211 23.28 -19.71 21.60
C ASP A 211 24.03 -20.49 20.53
N TYR A 212 23.32 -21.34 19.79
CA TYR A 212 24.00 -22.15 18.77
C TYR A 212 24.54 -21.29 17.63
N PHE A 213 23.76 -20.32 17.18
CA PHE A 213 24.17 -19.52 16.02
C PHE A 213 25.01 -18.30 16.36
N GLU A 214 25.18 -17.98 17.64
CA GLU A 214 25.93 -16.80 18.08
C GLU A 214 25.36 -15.53 17.43
N VAL A 215 24.13 -15.20 17.82
CA VAL A 215 23.36 -14.15 17.18
C VAL A 215 22.70 -13.30 18.25
N GLY A 216 22.54 -12.01 17.94
CA GLY A 216 21.87 -11.09 18.84
C GLY A 216 20.46 -11.53 19.19
N GLU A 217 19.90 -10.86 20.20
CA GLU A 217 18.67 -11.33 20.81
C GLU A 217 17.45 -11.06 19.95
N ASN A 218 17.47 -10.01 19.13
CA ASN A 218 16.30 -9.64 18.34
C ASN A 218 16.58 -9.69 16.85
N ALA A 219 17.48 -10.57 16.42
CA ALA A 219 17.77 -10.64 14.99
C ALA A 219 16.65 -11.34 14.22
N PHE A 220 16.11 -12.42 14.77
CA PHE A 220 15.14 -13.21 14.02
C PHE A 220 13.83 -12.47 13.83
N THR A 221 13.37 -11.75 14.85
CA THR A 221 12.17 -10.94 14.68
C THR A 221 12.40 -9.86 13.63
N LEU A 222 13.62 -9.32 13.57
CA LEU A 222 13.95 -8.39 12.50
C LEU A 222 13.88 -9.07 11.14
N LEU A 223 14.33 -10.32 11.06
CA LEU A 223 14.25 -11.05 9.80
C LEU A 223 12.81 -11.22 9.37
N ASN A 224 11.93 -11.57 10.30
CA ASN A 224 10.51 -11.68 9.96
C ASN A 224 9.94 -10.34 9.53
N ARG A 225 10.32 -9.27 10.21
CA ARG A 225 9.76 -7.96 9.89
C ARG A 225 10.22 -7.47 8.52
N ALA A 226 11.44 -7.82 8.11
CA ALA A 226 11.97 -7.34 6.84
C ALA A 226 11.28 -7.96 5.64
N ALA A 227 10.46 -8.99 5.84
CA ALA A 227 9.84 -9.66 4.70
C ALA A 227 8.80 -8.78 4.03
N GLY A 228 7.99 -8.06 4.80
CA GLY A 228 6.86 -7.36 4.22
C GLY A 228 6.78 -5.87 4.48
N LEU A 229 7.77 -5.31 5.18
CA LEU A 229 7.75 -3.89 5.47
C LEU A 229 8.16 -3.10 4.24
N LYS A 230 7.40 -2.05 3.93
CA LYS A 230 7.65 -1.24 2.73
C LYS A 230 7.54 0.25 3.00
N GLN A 231 7.68 0.69 4.24
CA GLN A 231 7.60 2.10 4.59
C GLN A 231 8.56 2.39 5.74
N LEU A 232 8.71 3.66 6.08
CA LEU A 232 9.51 4.08 7.22
C LEU A 232 8.87 5.32 7.84
N ASN A 233 8.06 5.12 8.87
CA ASN A 233 7.48 6.27 9.56
C ASN A 233 8.55 7.03 10.33
N SER A 234 9.48 6.31 10.98
CA SER A 234 10.56 6.96 11.71
C SER A 234 11.61 5.91 12.00
N ILE A 235 12.88 6.25 11.76
CA ILE A 235 13.95 5.26 11.93
C ILE A 235 14.35 5.11 13.39
N ASP A 236 14.01 6.09 14.23
CA ASP A 236 14.37 6.00 15.64
C ASP A 236 13.64 4.84 16.31
N GLU A 237 12.39 4.60 15.95
CA GLU A 237 11.68 3.44 16.50
C GLU A 237 12.36 2.15 16.10
N ILE A 238 12.75 2.05 14.83
CA ILE A 238 13.42 0.85 14.35
C ILE A 238 14.69 0.60 15.12
N PHE A 239 15.46 1.66 15.39
CA PHE A 239 16.70 1.46 16.11
C PHE A 239 16.51 1.24 17.61
N ARG A 240 15.44 1.79 18.19
CA ARG A 240 15.22 1.67 19.62
C ARG A 240 14.45 0.42 20.02
N GLU A 241 13.85 -0.29 19.07
CA GLU A 241 13.10 -1.50 19.38
C GLU A 241 13.77 -2.77 18.90
N LEU A 242 14.32 -2.78 17.69
CA LEU A 242 14.81 -4.01 17.09
C LEU A 242 16.33 -4.13 17.13
N VAL A 243 17.04 -3.16 16.56
CA VAL A 243 18.49 -3.32 16.37
C VAL A 243 19.21 -3.35 17.70
N LEU A 244 18.92 -2.40 18.57
CA LEU A 244 19.65 -2.27 19.81
C LEU A 244 19.11 -3.23 20.87
N ASP A 245 19.92 -3.47 21.89
CA ASP A 245 19.57 -4.39 22.97
C ASP A 245 18.74 -3.66 24.02
N ASP A 246 18.53 -4.29 25.16
CA ASP A 246 17.79 -3.71 26.28
C ASP A 246 18.62 -3.86 27.54
N ARG A 247 19.09 -2.73 28.08
CA ARG A 247 19.90 -2.71 29.28
C ARG A 247 19.41 -1.65 30.24
N SER A 248 18.10 -1.63 30.48
CA SER A 248 17.50 -0.65 31.37
C SER A 248 18.04 -0.79 32.79
N ALA A 249 17.69 0.18 33.64
CA ALA A 249 18.21 0.22 35.00
C ALA A 249 17.10 0.38 36.02
N PHE A 250 15.90 -0.14 35.73
CA PHE A 250 14.79 0.00 36.67
C PHE A 250 15.04 -0.77 37.96
N GLU A 251 15.58 -1.98 37.85
CA GLU A 251 15.73 -2.84 39.02
C GLU A 251 16.66 -2.22 40.05
N ARG A 252 17.80 -1.69 39.59
CA ARG A 252 18.75 -1.08 40.52
C ARG A 252 18.14 0.14 41.18
N ALA A 253 17.36 0.92 40.43
CA ALA A 253 16.68 2.08 41.00
C ALA A 253 15.71 1.65 42.10
N ALA A 254 14.92 0.61 41.85
CA ALA A 254 14.00 0.13 42.87
C ALA A 254 14.73 -0.37 44.09
N GLU A 255 15.85 -1.09 43.89
CA GLU A 255 16.63 -1.57 45.02
C GLU A 255 17.14 -0.41 45.86
N VAL A 256 17.69 0.62 45.22
CA VAL A 256 18.18 1.76 45.98
C VAL A 256 17.04 2.46 46.69
N ALA A 257 15.88 2.56 46.03
CA ALA A 257 14.74 3.21 46.66
C ALA A 257 14.30 2.47 47.92
N SER A 258 14.27 1.14 47.86
CA SER A 258 13.86 0.34 49.01
C SER A 258 14.99 0.10 50.00
N SER A 259 16.20 0.60 49.71
CA SER A 259 17.30 0.46 50.64
C SER A 259 17.02 1.11 51.98
N PHE A 260 16.13 2.09 52.02
CA PHE A 260 15.79 2.75 53.28
C PHE A 260 14.63 2.05 53.97
N VAL A 874 23.79 6.73 44.65
CA VAL A 874 22.73 7.10 43.72
C VAL A 874 23.35 7.58 42.41
N THR A 875 24.42 8.35 42.51
CA THR A 875 25.10 8.85 41.33
C THR A 875 25.63 7.70 40.46
N GLN A 876 25.82 6.53 41.05
CA GLN A 876 26.30 5.39 40.28
C GLN A 876 25.31 5.01 39.19
N LEU A 877 24.01 5.24 39.42
CA LEU A 877 23.02 5.04 38.36
C LEU A 877 23.34 5.92 37.17
N LEU A 878 23.64 7.19 37.43
CA LEU A 878 23.95 8.12 36.35
C LEU A 878 25.24 7.74 35.64
N SER A 879 26.25 7.31 36.40
CA SER A 879 27.49 6.86 35.76
C SER A 879 27.24 5.66 34.86
N TYR A 880 26.43 4.71 35.34
CA TYR A 880 26.08 3.53 34.55
C TYR A 880 25.36 3.92 33.27
N ILE A 881 24.41 4.84 33.36
CA ILE A 881 23.67 5.27 32.18
C ILE A 881 24.60 5.95 31.18
N ASP A 882 25.52 6.79 31.66
CA ASP A 882 26.45 7.45 30.76
C ASP A 882 27.34 6.43 30.05
N HIS A 883 27.81 5.42 30.79
CA HIS A 883 28.64 4.40 30.15
C HIS A 883 27.85 3.66 29.07
N GLU A 884 26.58 3.37 29.33
CA GLU A 884 25.76 2.72 28.31
C GLU A 884 25.62 3.60 27.07
N VAL A 885 25.43 4.91 27.27
CA VAL A 885 25.29 5.81 26.13
C VAL A 885 26.58 5.81 25.30
N SER A 886 27.73 5.86 25.97
CA SER A 886 28.98 5.84 25.24
C SER A 886 29.14 4.56 24.42
N MET A 887 28.78 3.41 25.00
CA MET A 887 28.86 2.17 24.25
C MET A 887 27.93 2.19 23.04
N ILE A 888 26.72 2.74 23.21
CA ILE A 888 25.79 2.82 22.09
C ILE A 888 26.39 3.65 20.96
N GLU A 889 27.00 4.78 21.31
CA GLU A 889 27.58 5.63 20.28
C GLU A 889 28.70 4.92 19.54
N GLU A 890 29.55 4.19 20.26
CA GLU A 890 30.61 3.45 19.59
C GLU A 890 30.05 2.42 18.63
N ARG A 891 29.00 1.69 19.05
CA ARG A 891 28.40 0.70 18.16
C ARG A 891 27.83 1.35 16.91
N LEU A 892 27.17 2.49 17.07
CA LEU A 892 26.61 3.18 15.91
C LEU A 892 27.72 3.64 14.97
N ASP A 893 28.84 4.11 15.54
CA ASP A 893 29.98 4.46 14.71
C ASP A 893 30.45 3.27 13.89
N ASP A 894 30.51 2.10 14.52
CA ASP A 894 30.90 0.89 13.79
C ASP A 894 29.95 0.62 12.64
N LEU A 895 28.65 0.74 12.88
CA LEU A 895 27.68 0.44 11.83
C LEU A 895 27.83 1.39 10.64
N ASN A 896 27.93 2.70 10.92
CA ASN A 896 28.00 3.64 9.81
C ASN A 896 29.33 3.56 9.09
N SER A 897 30.37 3.12 9.79
CA SER A 897 31.62 2.82 9.08
C SER A 897 31.44 1.65 8.14
N THR A 898 30.71 0.61 8.57
CA THR A 898 30.49 -0.54 7.71
C THR A 898 29.67 -0.17 6.47
N MET A 899 28.65 0.67 6.64
CA MET A 899 27.67 0.89 5.57
C MET A 899 28.23 1.65 4.37
N GLN A 900 29.52 2.01 4.37
CA GLN A 900 30.02 2.92 3.33
C GLN A 900 30.19 2.24 1.98
N ARG A 901 30.65 0.99 1.97
CA ARG A 901 31.08 0.37 0.72
C ARG A 901 29.95 0.27 -0.29
N VAL A 902 28.76 -0.11 0.16
CA VAL A 902 27.63 -0.28 -0.74
C VAL A 902 27.26 1.06 -1.36
N ASP A 903 26.71 1.01 -2.57
CA ASP A 903 26.43 2.19 -3.35
C ASP A 903 24.93 2.42 -3.47
N PHE A 904 24.49 3.62 -3.13
CA PHE A 904 23.14 4.12 -3.37
C PHE A 904 23.06 4.59 -4.82
N GLN A 905 22.09 5.44 -5.14
CA GLN A 905 22.04 6.13 -6.43
C GLN A 905 23.44 6.56 -6.85
N PRO A 906 23.76 6.54 -8.14
CA PRO A 906 25.17 6.59 -8.57
C PRO A 906 25.90 7.81 -8.03
N GLY A 907 27.10 7.58 -7.49
CA GLY A 907 27.90 8.63 -6.91
C GLY A 907 27.53 9.02 -5.50
N ARG A 908 26.63 8.28 -4.86
CA ARG A 908 26.12 8.68 -3.55
C ARG A 908 26.07 7.46 -2.64
N TYR A 909 26.09 7.73 -1.33
CA TYR A 909 25.89 6.70 -0.33
C TYR A 909 25.25 7.34 0.90
N LEU A 910 25.05 6.53 1.94
CA LEU A 910 24.32 6.97 3.13
C LEU A 910 25.22 6.93 4.35
N ARG A 911 24.95 7.84 5.28
CA ARG A 911 25.63 7.87 6.57
C ARG A 911 24.61 8.17 7.65
N LEU A 912 24.79 7.56 8.82
CA LEU A 912 23.84 7.65 9.93
C LEU A 912 24.48 8.42 11.07
N VAL A 913 23.72 9.38 11.62
CA VAL A 913 24.22 10.22 12.71
C VAL A 913 23.20 10.25 13.83
N ALA A 914 23.67 10.60 15.03
CA ALA A 914 22.83 10.68 16.22
C ALA A 914 23.30 11.82 17.11
N LYS A 915 22.34 12.57 17.63
CA LYS A 915 22.62 13.70 18.51
C LYS A 915 22.12 13.40 19.92
N LYS A 916 22.57 14.21 20.87
CA LYS A 916 22.29 14.01 22.28
C LYS A 916 21.35 15.10 22.79
N VAL A 917 20.25 14.71 23.42
CA VAL A 917 19.26 15.63 23.92
C VAL A 917 18.90 15.25 25.36
N ILE A 918 18.87 16.25 26.25
CA ILE A 918 18.53 16.05 27.65
C ILE A 918 17.37 16.97 28.00
N HIS A 919 16.38 16.42 28.68
CA HIS A 919 15.16 17.15 29.01
C HIS A 919 14.39 16.33 30.05
N GLU A 920 13.14 16.72 30.28
CA GLU A 920 12.23 16.00 31.17
C GLU A 920 12.67 16.10 32.63
N SER A 921 12.66 14.98 33.33
CA SER A 921 12.82 14.95 34.77
C SER A 921 14.26 14.97 35.25
N LEU A 922 15.24 14.94 34.33
CA LEU A 922 16.63 14.94 34.77
C LEU A 922 16.96 16.24 35.49
N ARG A 923 16.50 17.37 34.97
CA ARG A 923 16.75 18.64 35.63
C ARG A 923 16.09 18.68 37.00
N THR A 924 14.86 18.17 37.10
CA THR A 924 14.17 18.16 38.38
C THR A 924 14.93 17.32 39.41
N LEU A 925 15.40 16.14 39.01
CA LEU A 925 16.13 15.30 39.94
C LEU A 925 17.44 15.95 40.37
N GLN A 926 18.16 16.55 39.41
CA GLN A 926 19.41 17.22 39.77
C GLN A 926 19.15 18.38 40.73
N HIS A 927 18.08 19.14 40.48
CA HIS A 927 17.72 20.23 41.38
C HIS A 927 17.41 19.71 42.77
N ALA A 928 16.66 18.61 42.85
CA ALA A 928 16.35 18.03 44.15
C ALA A 928 17.60 17.60 44.88
N GLN A 929 18.54 16.97 44.17
CA GLN A 929 19.78 16.55 44.80
C GLN A 929 20.54 17.74 45.34
N ARG A 930 20.70 18.78 44.52
CA ARG A 930 21.47 19.94 44.95
C ARG A 930 20.77 20.66 46.10
N GLN A 931 19.44 20.59 46.17
CA GLN A 931 18.74 21.22 47.26
C GLN A 931 18.92 20.44 48.55
N LEU A 932 18.86 19.11 48.48
CA LEU A 932 19.06 18.31 49.68
C LEU A 932 20.49 18.40 50.16
N ASN A 933 21.44 18.69 49.26
CA ASN A 933 22.83 18.83 49.68
C ASN A 933 23.02 20.00 50.63
N SER A 934 22.07 20.94 50.68
CA SER A 934 22.22 22.10 51.55
C SER A 934 22.21 21.71 53.02
N ALA A 935 21.30 20.84 53.41
CA ALA A 935 21.16 20.47 54.82
C ALA A 935 22.30 19.57 55.28
N LYS A 947 14.92 14.55 57.55
CA LYS A 947 14.82 15.82 56.84
C LYS A 947 13.85 15.73 55.69
N ALA A 948 14.35 15.91 54.47
CA ALA A 948 13.55 15.80 53.26
C ALA A 948 14.09 14.71 52.33
N LEU A 949 14.72 13.69 52.92
CA LEU A 949 15.28 12.60 52.12
C LEU A 949 14.20 11.86 51.35
N GLN A 950 12.95 11.97 51.77
CA GLN A 950 11.88 11.23 51.11
C GLN A 950 11.53 11.79 49.73
N ALA A 951 12.03 12.97 49.38
CA ALA A 951 11.73 13.53 48.07
C ALA A 951 12.33 12.67 46.96
N LEU A 952 13.60 12.29 47.12
CA LEU A 952 14.24 11.44 46.12
C LEU A 952 13.56 10.09 46.03
N VAL A 953 13.19 9.52 47.17
CA VAL A 953 12.51 8.23 47.17
C VAL A 953 11.17 8.33 46.45
N GLY A 954 10.43 9.40 46.70
CA GLY A 954 9.17 9.58 46.01
C GLY A 954 9.34 9.70 44.52
N LEU A 955 10.33 10.47 44.07
CA LEU A 955 10.57 10.59 42.64
C LEU A 955 10.93 9.25 42.01
N LEU A 956 11.84 8.52 42.64
CA LEU A 956 12.29 7.25 42.08
C LEU A 956 11.14 6.25 42.03
N LYS A 957 10.35 6.16 43.10
CA LYS A 957 9.22 5.24 43.11
C LYS A 957 8.19 5.61 42.06
N ASP A 958 7.90 6.91 41.91
CA ASP A 958 6.94 7.34 40.91
C ASP A 958 7.41 6.98 39.51
N ALA A 959 8.70 7.19 39.23
CA ALA A 959 9.24 6.84 37.93
C ALA A 959 9.16 5.34 37.69
N CYS A 960 9.51 4.54 38.70
CA CYS A 960 9.49 3.09 38.54
C CYS A 960 8.06 2.57 38.32
N GLU A 961 7.09 3.14 39.02
CA GLU A 961 5.72 2.65 38.91
C GLU A 961 5.15 2.90 37.52
N HIS A 962 5.39 4.07 36.95
CA HIS A 962 4.91 4.40 35.61
C HIS A 962 5.98 4.09 34.58
N SER A 963 6.22 2.78 34.42
CA SER A 963 7.29 2.32 33.55
C SER A 963 6.99 2.50 32.08
N ARG A 964 5.78 2.91 31.72
CA ARG A 964 5.38 3.03 30.32
C ARG A 964 5.10 4.47 29.92
N ASN A 965 5.77 5.43 30.55
CA ASN A 965 5.62 6.84 30.22
C ASN A 965 6.95 7.43 29.79
N GLN A 966 6.88 8.52 29.02
CA GLN A 966 8.08 9.10 28.44
C GLN A 966 9.03 9.63 29.51
N GLY A 967 8.50 10.08 30.64
CA GLY A 967 9.38 10.56 31.71
C GLY A 967 10.28 9.46 32.24
N ALA A 968 9.69 8.30 32.53
CA ALA A 968 10.49 7.19 33.04
C ALA A 968 11.46 6.69 31.97
N LYS A 969 10.99 6.56 30.73
CA LYS A 969 11.86 6.11 29.66
C LYS A 969 13.04 7.06 29.48
N ALA A 970 12.77 8.36 29.43
CA ALA A 970 13.84 9.33 29.23
C ALA A 970 14.71 9.46 30.47
N LEU A 971 14.25 8.99 31.62
CA LEU A 971 15.09 9.10 32.80
C LEU A 971 16.01 7.90 32.97
N LEU A 972 15.50 6.69 32.83
CA LEU A 972 16.24 5.50 33.25
C LEU A 972 16.60 4.54 32.14
N ASP A 973 16.17 4.77 30.91
CA ASP A 973 16.50 3.86 29.82
C ASP A 973 17.55 4.49 28.93
N PRO A 974 18.78 3.99 28.91
CA PRO A 974 19.86 4.71 28.19
C PRO A 974 19.61 4.91 26.72
N ARG A 975 18.94 3.98 26.05
CA ARG A 975 18.76 4.11 24.60
C ARG A 975 17.69 5.11 24.21
N PHE A 976 17.05 5.76 25.18
CA PHE A 976 16.08 6.82 24.91
C PHE A 976 16.66 8.20 25.13
N ARG A 977 17.98 8.33 25.21
CA ARG A 977 18.65 9.61 25.37
C ARG A 977 19.39 10.02 24.10
N LEU A 978 18.90 9.62 22.93
CA LEU A 978 19.52 9.95 21.66
C LEU A 978 18.45 10.24 20.63
N GLU A 979 18.85 10.88 19.54
CA GLU A 979 17.97 11.18 18.42
C GLU A 979 18.66 10.75 17.13
N PHE A 980 17.94 10.04 16.27
CA PHE A 980 18.53 9.40 15.10
C PHE A 980 17.96 9.98 13.81
N ALA A 981 18.82 10.10 12.81
CA ALA A 981 18.41 10.56 11.48
C ALA A 981 19.45 10.10 10.47
N VAL A 982 19.02 10.02 9.21
CA VAL A 982 19.85 9.52 8.12
C VAL A 982 20.21 10.67 7.20
N SER A 983 21.36 10.55 6.52
CA SER A 983 21.87 11.60 5.65
C SER A 983 22.43 10.99 4.37
N VAL A 984 22.50 11.80 3.33
CA VAL A 984 23.00 11.39 2.02
C VAL A 984 24.28 12.15 1.73
N ILE A 985 25.32 11.44 1.31
CA ILE A 985 26.64 12.01 1.08
C ILE A 985 27.03 11.75 -0.37
N ASP A 986 27.45 12.80 -1.07
CA ASP A 986 27.98 12.64 -2.41
C ASP A 986 29.42 12.14 -2.35
N ARG A 987 29.78 11.25 -3.28
CA ARG A 987 31.09 10.61 -3.22
C ARG A 987 32.21 11.59 -3.57
N GLU A 988 32.02 12.42 -4.58
CA GLU A 988 33.03 13.39 -4.97
C GLU A 988 33.20 14.42 -3.87
N GLY A 989 34.31 14.37 -3.16
CA GLY A 989 34.42 15.19 -1.98
C GLY A 989 33.48 14.67 -0.89
N ASN A 990 33.11 15.56 0.01
CA ASN A 990 32.18 15.22 1.08
C ASN A 990 31.29 16.42 1.33
N ASN A 991 29.99 16.26 1.14
CA ASN A 991 29.06 17.35 1.37
C ASN A 991 27.66 16.79 1.45
N LEU A 992 26.88 17.27 2.41
CA LEU A 992 25.50 16.86 2.53
C LEU A 992 24.73 17.29 1.29
N ILE A 993 23.79 16.45 0.87
CA ILE A 993 22.91 16.80 -0.23
C ILE A 993 21.49 16.86 0.31
N GLU A 994 21.22 16.08 1.35
CA GLU A 994 19.88 15.98 1.91
C GLU A 994 19.93 15.16 3.19
N THR A 995 19.24 15.63 4.23
CA THR A 995 19.12 14.90 5.49
C THR A 995 17.67 14.56 5.72
N ARG A 996 17.40 13.31 6.07
CA ARG A 996 16.04 12.81 6.19
C ARG A 996 15.88 12.13 7.54
N THR A 997 14.71 12.32 8.15
CA THR A 997 14.39 11.66 9.41
C THR A 997 13.32 10.61 9.28
N GLY A 998 12.71 10.46 8.10
CA GLY A 998 11.68 9.48 7.88
C GLY A 998 11.49 9.21 6.41
N SER A 999 10.25 8.97 5.98
CA SER A 999 9.99 8.73 4.57
C SER A 999 8.69 9.37 4.13
N GLN A 1000 8.34 10.51 4.71
CA GLN A 1000 7.09 11.18 4.39
C GLN A 1000 7.25 12.08 3.18
N GLY A 1001 6.25 12.07 2.29
CA GLY A 1001 6.24 12.92 1.13
C GLY A 1001 6.95 12.39 -0.08
N GLY A 1002 7.54 11.21 -0.01
CA GLY A 1002 8.24 10.65 -1.14
C GLY A 1002 7.31 10.12 -2.21
N SER A 1003 7.91 9.63 -3.29
CA SER A 1003 7.16 9.04 -4.38
C SER A 1003 6.75 7.62 -4.02
N GLY A 1004 5.98 6.99 -4.91
CA GLY A 1004 5.56 5.62 -4.66
C GLY A 1004 6.70 4.64 -4.68
N GLY A 1005 7.67 4.85 -5.57
CA GLY A 1005 8.76 3.90 -5.72
C GLY A 1005 9.97 4.19 -4.88
N GLU A 1006 10.08 5.41 -4.36
CA GLU A 1006 11.23 5.78 -3.56
C GLU A 1006 11.14 5.18 -2.16
N LYS A 1007 9.93 5.08 -1.61
CA LYS A 1007 9.76 4.51 -0.29
C LYS A 1007 10.28 3.08 -0.25
N GLU A 1008 9.98 2.29 -1.29
CA GLU A 1008 10.37 0.89 -1.30
C GLU A 1008 11.89 0.73 -1.27
N ILE A 1009 12.59 1.48 -2.12
CA ILE A 1009 14.04 1.35 -2.17
C ILE A 1009 14.67 1.83 -0.88
N ILE A 1010 14.18 2.94 -0.32
CA ILE A 1010 14.72 3.42 0.95
C ILE A 1010 14.57 2.36 2.02
N ALA A 1011 13.36 1.82 2.16
CA ALA A 1011 13.10 0.86 3.23
C ALA A 1011 13.95 -0.39 3.06
N SER A 1012 14.03 -0.92 1.84
CA SER A 1012 14.80 -2.13 1.62
C SER A 1012 16.27 -1.90 1.95
N TYR A 1013 16.82 -0.76 1.51
CA TYR A 1013 18.22 -0.50 1.76
C TYR A 1013 18.52 -0.44 3.24
N VAL A 1014 17.75 0.36 4.00
CA VAL A 1014 18.08 0.50 5.41
C VAL A 1014 17.86 -0.80 6.16
N LEU A 1015 16.81 -1.55 5.82
CA LEU A 1015 16.55 -2.79 6.53
C LEU A 1015 17.65 -3.81 6.29
N THR A 1016 18.10 -3.98 5.04
CA THR A 1016 19.16 -4.95 4.83
C THR A 1016 20.46 -4.48 5.44
N ALA A 1017 20.74 -3.18 5.43
CA ALA A 1017 21.96 -2.70 6.07
C ALA A 1017 21.97 -3.00 7.55
N SER A 1018 20.85 -2.78 8.23
CA SER A 1018 20.79 -3.09 9.65
C SER A 1018 20.88 -4.59 9.90
N LEU A 1019 20.20 -5.39 9.10
CA LEU A 1019 20.18 -6.83 9.33
C LEU A 1019 21.56 -7.43 9.13
N SER A 1020 22.31 -6.96 8.13
CA SER A 1020 23.65 -7.51 7.90
C SER A 1020 24.56 -7.29 9.09
N TYR A 1021 24.25 -6.31 9.94
CA TYR A 1021 25.05 -6.08 11.14
C TYR A 1021 24.47 -6.77 12.35
N ALA A 1022 23.15 -6.94 12.42
CA ALA A 1022 22.56 -7.62 13.57
C ALA A 1022 22.98 -9.09 13.66
N LEU A 1023 23.46 -9.66 12.56
CA LEU A 1023 23.94 -11.04 12.59
C LEU A 1023 25.34 -11.10 13.18
N CYS A 1024 26.02 -12.23 12.98
CA CYS A 1024 27.29 -12.48 13.67
C CYS A 1024 28.31 -11.36 13.60
N PRO A 1025 28.54 -10.67 12.45
CA PRO A 1025 29.59 -9.65 12.42
C PRO A 1025 29.41 -8.54 13.44
N ASP A 1026 28.32 -8.59 14.20
CA ASP A 1026 28.21 -7.75 15.38
C ASP A 1026 29.36 -8.03 16.34
N GLY A 1027 29.67 -9.30 16.57
CA GLY A 1027 30.79 -9.68 17.39
C GLY A 1027 31.96 -10.17 16.55
N SER A 1028 32.25 -9.45 15.46
CA SER A 1028 33.31 -9.79 14.52
C SER A 1028 33.00 -11.08 13.77
N SER A 1029 33.93 -11.52 12.92
CA SER A 1029 33.79 -12.71 12.09
C SER A 1029 32.65 -12.58 11.08
N ARG A 1030 32.52 -13.56 10.19
CA ARG A 1030 31.51 -13.54 9.15
C ARG A 1030 30.21 -14.17 9.65
N PRO A 1031 29.09 -13.85 9.02
CA PRO A 1031 27.80 -14.37 9.50
C PRO A 1031 27.77 -15.90 9.49
N LEU A 1032 27.17 -16.47 10.52
CA LEU A 1032 26.95 -17.91 10.55
C LEU A 1032 25.57 -18.30 10.04
N PHE A 1033 24.70 -17.34 9.78
CA PHE A 1033 23.36 -17.62 9.26
C PHE A 1033 23.07 -16.58 8.19
N GLY A 1034 23.36 -16.91 6.94
CA GLY A 1034 23.12 -15.97 5.86
C GLY A 1034 22.01 -16.38 4.92
N THR A 1035 20.86 -15.72 5.03
CA THR A 1035 19.73 -15.91 4.12
C THR A 1035 18.67 -14.88 4.47
N ILE A 1036 17.80 -14.59 3.49
CA ILE A 1036 16.78 -13.57 3.65
C ILE A 1036 15.67 -13.86 2.65
N VAL A 1037 14.43 -13.52 3.03
CA VAL A 1037 13.25 -13.82 2.24
C VAL A 1037 12.51 -12.52 1.94
N LEU A 1038 12.16 -12.32 0.68
CA LEU A 1038 11.39 -11.15 0.24
C LEU A 1038 10.09 -11.61 -0.38
N ASP A 1039 9.01 -10.89 -0.07
CA ASP A 1039 7.68 -11.26 -0.53
C ASP A 1039 7.07 -10.15 -1.36
N GLN A 1040 6.43 -10.52 -2.46
CA GLN A 1040 5.87 -9.57 -3.43
C GLN A 1040 6.92 -8.57 -3.88
N ALA A 1041 8.07 -9.09 -4.30
CA ALA A 1041 9.20 -8.24 -4.63
C ALA A 1041 8.88 -7.36 -5.83
N PHE A 1042 9.36 -6.12 -5.77
CA PHE A 1042 9.25 -5.17 -6.88
C PHE A 1042 7.80 -4.97 -7.31
N SER A 1043 6.93 -4.71 -6.34
CA SER A 1043 5.53 -4.51 -6.67
C SER A 1043 5.28 -3.13 -7.27
N ARG A 1044 5.99 -2.11 -6.80
CA ARG A 1044 5.71 -0.74 -7.20
C ARG A 1044 6.85 -0.07 -7.97
N SER A 1045 8.05 -0.61 -7.95
CA SER A 1045 9.18 0.03 -8.60
C SER A 1045 9.22 -0.32 -10.09
N SER A 1046 10.10 0.36 -10.80
CA SER A 1046 10.27 0.17 -12.24
C SER A 1046 11.43 -0.77 -12.51
N HIS A 1047 11.80 -0.89 -13.77
CA HIS A 1047 12.86 -1.81 -14.16
C HIS A 1047 14.21 -1.39 -13.59
N ALA A 1048 14.52 -0.08 -13.62
CA ALA A 1048 15.84 0.38 -13.23
C ALA A 1048 16.11 0.15 -11.75
N VAL A 1049 15.11 0.39 -10.91
CA VAL A 1049 15.33 0.34 -9.45
C VAL A 1049 15.62 -1.09 -9.00
N ALA A 1050 14.99 -2.07 -9.64
CA ALA A 1050 15.19 -3.46 -9.23
C ALA A 1050 16.64 -3.88 -9.38
N GLY A 1051 17.30 -3.42 -10.44
CA GLY A 1051 18.70 -3.74 -10.62
C GLY A 1051 19.55 -3.23 -9.46
N ARG A 1052 19.30 -1.99 -9.03
CA ARG A 1052 20.05 -1.46 -7.91
C ARG A 1052 19.78 -2.25 -6.64
N ILE A 1053 18.53 -2.62 -6.41
CA ILE A 1053 18.20 -3.39 -5.21
C ILE A 1053 18.96 -4.70 -5.20
N ILE A 1054 18.93 -5.42 -6.32
CA ILE A 1054 19.61 -6.71 -6.38
C ILE A 1054 21.11 -6.55 -6.23
N ALA A 1055 21.68 -5.53 -6.86
CA ALA A 1055 23.13 -5.33 -6.77
C ALA A 1055 23.55 -5.05 -5.33
N ALA A 1056 22.81 -4.18 -4.63
CA ALA A 1056 23.14 -3.91 -3.23
C ALA A 1056 23.00 -5.16 -2.39
N LEU A 1057 21.94 -5.94 -2.63
CA LEU A 1057 21.74 -7.15 -1.86
C LEU A 1057 22.89 -8.14 -2.05
N ARG A 1058 23.37 -8.27 -3.28
CA ARG A 1058 24.51 -9.14 -3.51
C ARG A 1058 25.76 -8.59 -2.84
N GLU A 1059 25.96 -7.27 -2.88
CA GLU A 1059 27.17 -6.69 -2.31
C GLU A 1059 27.23 -6.86 -0.80
N PHE A 1060 26.09 -6.81 -0.13
CA PHE A 1060 26.12 -6.96 1.32
C PHE A 1060 26.54 -8.35 1.76
N GLY A 1061 26.41 -9.36 0.91
CA GLY A 1061 26.86 -10.69 1.23
C GLY A 1061 25.79 -11.59 1.83
N LEU A 1062 24.61 -11.61 1.21
CA LEU A 1062 23.49 -12.41 1.66
C LEU A 1062 22.91 -13.18 0.48
N HIS A 1063 22.36 -14.36 0.76
CA HIS A 1063 21.64 -15.16 -0.23
C HIS A 1063 20.15 -14.90 -0.07
N ALA A 1064 19.43 -14.88 -1.20
CA ALA A 1064 18.06 -14.43 -1.17
C ALA A 1064 17.16 -15.35 -1.99
N VAL A 1065 15.87 -15.35 -1.65
CA VAL A 1065 14.83 -15.98 -2.43
C VAL A 1065 13.75 -14.96 -2.71
N PHE A 1066 13.24 -14.95 -3.93
CA PHE A 1066 12.27 -13.96 -4.37
C PHE A 1066 10.93 -14.64 -4.64
N ILE A 1067 9.84 -13.97 -4.26
CA ILE A 1067 8.50 -14.54 -4.35
C ILE A 1067 7.63 -13.55 -5.09
N THR A 1068 7.34 -13.85 -6.35
CA THR A 1068 6.53 -12.97 -7.19
C THR A 1068 5.60 -13.82 -8.04
N PRO A 1069 4.49 -13.25 -8.50
CA PRO A 1069 3.71 -13.91 -9.55
C PRO A 1069 4.46 -13.82 -10.87
N ASN A 1070 3.81 -14.18 -11.97
CA ASN A 1070 4.49 -14.21 -13.25
C ASN A 1070 4.74 -12.80 -13.80
N LYS A 1071 4.67 -11.79 -12.92
CA LYS A 1071 4.81 -10.40 -13.38
C LYS A 1071 6.17 -10.18 -14.04
N GLU A 1072 7.25 -10.61 -13.40
CA GLU A 1072 8.59 -10.41 -13.92
C GLU A 1072 9.21 -11.77 -14.21
N MET A 1073 9.83 -11.91 -15.38
CA MET A 1073 10.47 -13.17 -15.75
C MET A 1073 11.87 -13.00 -16.33
N ARG A 1074 12.33 -11.78 -16.56
CA ARG A 1074 13.63 -11.56 -17.19
C ARG A 1074 14.75 -11.38 -16.18
N LEU A 1075 14.58 -10.46 -15.22
CA LEU A 1075 15.61 -10.25 -14.23
C LEU A 1075 15.86 -11.51 -13.41
N LEU A 1076 14.80 -12.21 -13.03
CA LEU A 1076 14.96 -13.42 -12.25
C LEU A 1076 15.72 -14.48 -13.04
N ARG A 1077 15.39 -14.64 -14.31
CA ARG A 1077 16.16 -15.57 -15.15
C ARG A 1077 17.60 -15.13 -15.26
N HIS A 1078 17.85 -13.83 -15.18
CA HIS A 1078 19.21 -13.34 -15.34
C HIS A 1078 20.05 -13.54 -14.08
N HIS A 1079 19.45 -13.45 -12.90
CA HIS A 1079 20.21 -13.43 -11.66
C HIS A 1079 20.06 -14.67 -10.79
N THR A 1080 19.10 -15.55 -11.08
CA THR A 1080 18.89 -16.74 -10.27
C THR A 1080 19.26 -17.98 -11.07
N ARG A 1081 19.00 -19.15 -10.49
CA ARG A 1081 19.42 -20.40 -11.12
C ARG A 1081 18.32 -21.46 -11.10
N SER A 1082 17.41 -21.40 -10.14
CA SER A 1082 16.40 -22.43 -10.00
C SER A 1082 15.04 -21.78 -9.74
N ALA A 1083 13.98 -22.53 -10.07
CA ALA A 1083 12.63 -22.03 -9.90
C ALA A 1083 11.75 -23.11 -9.28
N VAL A 1084 10.71 -22.68 -8.58
CA VAL A 1084 9.75 -23.58 -7.93
C VAL A 1084 8.35 -23.16 -8.36
N VAL A 1085 7.59 -24.08 -8.93
CA VAL A 1085 6.29 -23.78 -9.53
C VAL A 1085 5.20 -24.41 -8.68
N VAL A 1086 4.19 -23.61 -8.32
CA VAL A 1086 3.07 -24.07 -7.53
C VAL A 1086 1.82 -24.05 -8.40
N HIS A 1087 0.81 -24.80 -7.99
CA HIS A 1087 -0.40 -24.94 -8.78
C HIS A 1087 -1.51 -25.49 -7.90
N ARG A 1088 -2.75 -25.01 -8.14
CA ARG A 1088 -3.89 -25.44 -7.35
C ARG A 1088 -5.00 -25.92 -8.28
N ARG A 1089 -5.65 -27.02 -7.89
CA ARG A 1089 -6.74 -27.61 -8.66
C ARG A 1089 -7.82 -28.04 -7.67
N GLY A 1090 -8.83 -27.20 -7.50
CA GLY A 1090 -9.85 -27.48 -6.50
C GLY A 1090 -9.49 -26.93 -5.14
N VAL A 1091 -8.95 -27.76 -4.26
CA VAL A 1091 -8.52 -27.31 -2.94
C VAL A 1091 -7.16 -27.92 -2.58
N GLU A 1092 -6.52 -28.58 -3.54
CA GLU A 1092 -5.23 -29.19 -3.33
C GLU A 1092 -4.16 -28.43 -4.10
N SER A 1093 -2.94 -28.41 -3.56
CA SER A 1093 -1.84 -27.73 -4.20
C SER A 1093 -0.62 -28.63 -4.22
N SER A 1094 0.26 -28.39 -5.18
CA SER A 1094 1.43 -29.24 -5.40
C SER A 1094 2.61 -28.38 -5.81
N LEU A 1095 3.81 -28.95 -5.65
CA LEU A 1095 5.06 -28.25 -5.94
C LEU A 1095 5.83 -29.00 -7.00
N VAL A 1096 6.53 -28.25 -7.85
CA VAL A 1096 7.42 -28.79 -8.86
C VAL A 1096 8.72 -28.00 -8.83
N SER A 1097 9.85 -28.70 -8.90
CA SER A 1097 11.16 -28.05 -8.88
C SER A 1097 11.88 -28.32 -10.19
N LEU A 1098 12.41 -27.27 -10.81
CA LEU A 1098 13.12 -27.40 -12.07
C LEU A 1098 14.20 -26.33 -12.14
N SER A 1099 15.20 -26.60 -12.97
CA SER A 1099 16.17 -25.58 -13.32
C SER A 1099 15.65 -24.82 -14.53
N TRP A 1100 16.40 -23.81 -14.99
CA TRP A 1100 15.90 -22.96 -16.06
C TRP A 1100 15.98 -23.63 -17.42
N GLU A 1101 17.06 -24.40 -17.66
CA GLU A 1101 17.25 -25.00 -18.98
C GLU A 1101 16.12 -25.96 -19.33
N ALA A 1102 15.70 -26.77 -18.35
CA ALA A 1102 14.65 -27.74 -18.62
C ALA A 1102 13.36 -27.05 -19.04
N LEU A 1103 13.00 -25.96 -18.36
CA LEU A 1103 11.81 -25.24 -18.75
C LEU A 1103 11.99 -24.55 -20.10
N ASP A 1104 13.21 -24.10 -20.40
CA ASP A 1104 13.46 -23.50 -21.70
C ASP A 1104 13.24 -24.51 -22.82
N GLU A 1105 13.65 -25.76 -22.60
CA GLU A 1105 13.55 -26.76 -23.66
C GLU A 1105 12.10 -27.05 -24.05
N HIS A 1106 11.14 -26.75 -23.19
CA HIS A 1106 9.74 -26.92 -23.57
C HIS A 1106 9.35 -25.90 -24.64
N SER B 28 -26.06 9.07 -25.07
CA SER B 28 -25.32 10.14 -25.70
C SER B 28 -25.62 11.48 -25.06
N GLU B 29 -25.73 11.47 -23.74
CA GLU B 29 -25.94 12.69 -22.95
C GLU B 29 -25.08 12.65 -21.71
N THR B 30 -23.81 12.32 -21.89
CA THR B 30 -22.87 12.17 -20.79
C THR B 30 -21.60 12.94 -21.09
N PHE B 31 -21.11 13.69 -20.11
CA PHE B 31 -19.90 14.47 -20.27
C PHE B 31 -18.67 13.61 -20.00
N ILE B 32 -17.67 13.72 -20.88
CA ILE B 32 -16.47 12.91 -20.81
C ILE B 32 -15.25 13.82 -20.83
N LEU B 33 -14.27 13.49 -20.01
CA LEU B 33 -13.04 14.29 -19.94
C LEU B 33 -12.30 14.25 -21.27
N THR B 34 -11.78 15.41 -21.69
CA THR B 34 -11.07 15.46 -22.96
C THR B 34 -9.70 16.12 -22.86
N SER B 35 -9.51 17.02 -21.90
CA SER B 35 -8.27 17.78 -21.84
C SER B 35 -8.01 18.27 -20.43
N ILE B 36 -6.79 18.73 -20.19
CA ILE B 36 -6.38 19.26 -18.88
C ILE B 36 -5.11 20.06 -19.07
N GLU B 37 -5.05 21.23 -18.45
CA GLU B 37 -3.96 22.18 -18.65
C GLU B 37 -3.33 22.56 -17.32
N LEU B 38 -2.07 22.99 -17.38
CA LEU B 38 -1.31 23.33 -16.18
C LEU B 38 -0.51 24.60 -16.42
N TYR B 39 -0.10 25.24 -15.33
CA TYR B 39 0.80 26.39 -15.39
C TYR B 39 1.41 26.59 -14.01
N ASN B 40 2.72 26.43 -13.90
CA ASN B 40 3.45 26.65 -12.65
C ASN B 40 2.91 25.76 -11.51
N TRP B 41 2.57 24.52 -11.84
CA TRP B 41 2.00 23.59 -10.87
C TRP B 41 2.97 22.45 -10.62
N GLY B 42 3.26 22.18 -9.36
CA GLY B 42 4.19 21.11 -9.04
C GLY B 42 5.55 21.40 -9.62
N GLY B 43 6.11 20.41 -10.32
CA GLY B 43 7.35 20.60 -11.04
C GLY B 43 7.23 21.13 -12.44
N PHE B 44 6.02 21.19 -12.98
CA PHE B 44 5.82 21.68 -14.34
C PHE B 44 5.88 23.21 -14.33
N GLN B 45 6.89 23.77 -14.99
CA GLN B 45 7.09 25.20 -15.04
C GLN B 45 6.68 25.72 -16.42
N GLY B 46 5.83 26.74 -16.45
CA GLY B 46 5.33 27.21 -17.72
C GLY B 46 4.14 26.40 -18.20
N TYR B 47 3.71 26.71 -19.41
CA TYR B 47 2.50 26.11 -19.97
C TYR B 47 2.72 24.65 -20.34
N HIS B 48 1.68 23.84 -20.15
CA HIS B 48 1.71 22.42 -20.51
C HIS B 48 0.29 21.96 -20.84
N ARG B 49 0.19 20.83 -21.54
CA ARG B 49 -1.10 20.33 -21.99
C ARG B 49 -1.08 18.82 -22.11
N ALA B 50 -2.28 18.23 -22.14
CA ALA B 50 -2.46 16.80 -22.37
C ALA B 50 -3.86 16.56 -22.91
N GLU B 51 -3.98 15.59 -23.82
CA GLU B 51 -5.25 15.25 -24.44
C GLU B 51 -5.65 13.84 -24.06
N ILE B 52 -6.95 13.59 -24.03
CA ILE B 52 -7.52 12.32 -23.60
C ILE B 52 -8.56 11.86 -24.62
N ASP B 53 -8.40 10.63 -25.10
CA ASP B 53 -9.25 10.04 -26.14
C ASP B 53 -10.58 9.60 -25.56
N PRO B 54 -11.66 9.65 -26.36
CA PRO B 54 -12.96 9.17 -25.87
C PRO B 54 -13.01 7.69 -25.54
N SER B 55 -12.06 6.88 -26.00
CA SER B 55 -12.08 5.45 -25.73
C SER B 55 -11.20 5.05 -24.54
N GLY B 56 -10.62 5.99 -23.84
CA GLY B 56 -9.77 5.68 -22.71
C GLY B 56 -8.30 5.80 -23.06
N THR B 57 -7.50 6.23 -22.09
CA THR B 57 -6.08 6.43 -22.31
C THR B 57 -5.24 5.72 -21.26
N ALA B 58 -3.93 5.96 -21.24
CA ALA B 58 -3.05 5.31 -20.28
C ALA B 58 -1.77 6.11 -20.17
N VAL B 59 -1.50 6.69 -19.02
CA VAL B 59 -0.29 7.46 -18.80
C VAL B 59 0.80 6.51 -18.34
N ILE B 60 2.02 6.71 -18.86
CA ILE B 60 3.14 5.83 -18.58
C ILE B 60 4.40 6.66 -18.45
N GLY B 61 5.32 6.20 -17.61
CA GLY B 61 6.58 6.88 -17.41
C GLY B 61 7.37 6.26 -16.29
N PRO B 62 8.65 6.60 -16.20
CA PRO B 62 9.52 5.98 -15.19
C PRO B 62 9.09 6.38 -13.78
N THR B 63 9.79 5.80 -12.81
CA THR B 63 9.53 6.14 -11.42
C THR B 63 10.05 7.54 -11.10
N GLY B 64 9.30 8.26 -10.28
CA GLY B 64 9.65 9.62 -9.93
C GLY B 64 9.65 10.57 -11.12
N SER B 65 8.61 10.49 -11.93
CA SER B 65 8.48 11.33 -13.12
C SER B 65 7.47 12.45 -12.97
N GLY B 66 6.32 12.19 -12.37
CA GLY B 66 5.30 13.21 -12.25
C GLY B 66 3.89 12.76 -12.57
N LYS B 67 3.66 11.45 -12.61
CA LYS B 67 2.33 10.95 -12.93
C LYS B 67 1.32 11.31 -11.86
N THR B 68 1.69 11.19 -10.58
CA THR B 68 0.75 11.44 -9.51
C THR B 68 0.37 12.92 -9.42
N THR B 69 1.29 13.81 -9.78
CA THR B 69 1.01 15.24 -9.73
C THR B 69 -0.12 15.61 -10.67
N LEU B 70 -0.11 15.02 -11.87
CA LEU B 70 -1.11 15.35 -12.88
C LEU B 70 -2.51 14.98 -12.40
N VAL B 71 -2.65 13.87 -11.67
CA VAL B 71 -3.98 13.48 -11.22
C VAL B 71 -4.37 14.23 -9.95
N ASP B 72 -3.40 14.61 -9.12
CA ASP B 72 -3.73 15.46 -7.98
C ASP B 72 -4.29 16.80 -8.44
N ALA B 73 -3.74 17.33 -9.54
CA ALA B 73 -4.25 18.58 -10.07
C ALA B 73 -5.73 18.46 -10.42
N LEU B 74 -6.16 17.31 -10.92
CA LEU B 74 -7.57 17.13 -11.21
C LEU B 74 -8.38 16.95 -9.94
N MET B 75 -7.88 16.16 -9.00
CA MET B 75 -8.64 15.92 -7.78
C MET B 75 -8.87 17.19 -6.99
N THR B 76 -7.98 18.18 -7.11
CA THR B 76 -8.15 19.42 -6.36
C THR B 76 -9.43 20.15 -6.73
N LEU B 77 -9.88 20.03 -7.98
CA LEU B 77 -11.03 20.82 -8.43
C LEU B 77 -12.37 20.26 -8.01
N LEU B 78 -12.44 19.06 -7.44
CA LEU B 78 -13.73 18.40 -7.23
C LEU B 78 -14.10 18.22 -5.77
N CYS B 79 -13.26 17.55 -4.98
CA CYS B 79 -13.62 17.24 -3.61
C CYS B 79 -13.31 18.40 -2.68
N ALA B 80 -14.16 18.58 -1.68
CA ALA B 80 -14.01 19.70 -0.75
C ALA B 80 -12.81 19.53 0.17
N ASN B 81 -12.25 18.33 0.28
CA ASN B 81 -11.13 18.12 1.17
C ASN B 81 -10.28 16.96 0.65
N PRO B 82 -9.37 17.22 -0.28
CA PRO B 82 -8.70 16.11 -0.98
C PRO B 82 -7.72 15.38 -0.09
N ARG B 83 -7.40 14.16 -0.53
CA ARG B 83 -6.36 13.33 0.08
C ARG B 83 -5.28 13.14 -0.97
N TYR B 84 -4.11 13.72 -0.74
CA TYR B 84 -3.05 13.74 -1.72
C TYR B 84 -2.14 12.52 -1.58
N ASN B 85 -1.65 12.02 -2.70
CA ASN B 85 -0.72 10.90 -2.74
C ASN B 85 -1.28 9.69 -1.99
N LEU B 86 -2.53 9.35 -2.31
CA LEU B 86 -3.21 8.31 -1.54
C LEU B 86 -2.69 6.93 -1.87
N ALA B 87 -2.37 6.66 -3.13
CA ALA B 87 -2.09 5.30 -3.55
C ALA B 87 -0.74 4.80 -3.06
N SER B 88 0.21 5.68 -2.79
CA SER B 88 1.56 5.23 -2.43
C SER B 88 1.56 4.43 -1.15
N THR B 89 0.77 4.85 -0.17
CA THR B 89 0.72 4.16 1.11
C THR B 89 -0.35 3.08 1.17
N GLY B 90 -1.03 2.81 0.06
CA GLY B 90 -2.01 1.75 0.02
C GLY B 90 -3.40 2.13 0.45
N GLY B 91 -3.62 3.35 0.92
CA GLY B 91 -4.94 3.77 1.34
C GLY B 91 -5.05 3.95 2.83
N HIS B 92 -3.95 4.31 3.50
CA HIS B 92 -3.94 4.52 4.93
C HIS B 92 -3.64 5.95 5.35
N GLU B 93 -2.91 6.71 4.55
CA GLU B 93 -2.47 8.04 4.97
C GLU B 93 -2.35 8.96 3.77
N SER B 94 -2.02 10.23 4.05
CA SER B 94 -1.74 11.23 3.03
C SER B 94 -0.52 12.03 3.46
N ASP B 95 0.17 12.63 2.50
CA ASP B 95 1.45 13.24 2.85
C ASP B 95 1.58 14.70 2.47
N ARG B 96 1.11 15.10 1.30
CA ARG B 96 1.38 16.43 0.78
C ARG B 96 0.21 17.37 1.05
N ASP B 97 0.47 18.66 0.94
CA ASP B 97 -0.54 19.70 1.16
C ASP B 97 -0.50 20.69 0.01
N LEU B 98 -1.52 21.57 -0.02
CA LEU B 98 -1.70 22.43 -1.18
C LEU B 98 -0.55 23.42 -1.33
N VAL B 99 -0.14 24.06 -0.24
CA VAL B 99 0.86 25.11 -0.35
C VAL B 99 2.21 24.56 -0.78
N SER B 100 2.42 23.25 -0.65
CA SER B 100 3.66 22.66 -1.11
C SER B 100 3.71 22.59 -2.63
N TYR B 101 2.56 22.32 -3.26
CA TYR B 101 2.52 22.24 -4.71
C TYR B 101 2.77 23.59 -5.35
N VAL B 102 2.14 24.65 -4.82
CA VAL B 102 2.23 25.96 -5.44
C VAL B 102 3.66 26.47 -5.48
N ARG B 103 4.43 26.27 -4.42
CA ARG B 103 5.81 26.70 -4.42
C ARG B 103 6.77 25.66 -4.97
N GLY B 104 6.31 24.44 -5.22
CA GLY B 104 7.14 23.44 -5.87
C GLY B 104 8.30 22.96 -5.04
N VAL B 105 8.02 22.22 -3.98
CA VAL B 105 9.05 21.66 -3.12
C VAL B 105 9.47 20.31 -3.69
N THR B 106 10.78 20.10 -3.81
CA THR B 106 11.33 18.84 -4.31
C THR B 106 12.27 18.27 -3.25
N GLY B 107 11.73 17.48 -2.34
CA GLY B 107 12.53 16.83 -1.33
C GLY B 107 12.57 17.60 -0.02
N PRO B 108 13.13 16.99 1.01
CA PRO B 108 13.20 17.65 2.32
C PRO B 108 14.35 18.63 2.45
N GLY B 109 15.27 18.66 1.50
CA GLY B 109 16.36 19.60 1.56
C GLY B 109 17.31 19.31 2.71
N ASP B 110 18.04 20.34 3.11
CA ASP B 110 19.02 20.23 4.19
C ASP B 110 18.94 21.51 5.01
N GLY B 111 19.96 21.77 5.81
CA GLY B 111 20.00 23.00 6.58
C GLY B 111 20.31 24.20 5.73
N GLY B 112 21.06 25.16 6.27
CA GLY B 112 21.38 26.35 5.53
C GLY B 112 20.22 27.32 5.47
N VAL B 113 20.40 28.35 4.66
CA VAL B 113 19.42 29.44 4.59
C VAL B 113 18.92 29.70 3.18
N GLU B 114 19.65 29.31 2.13
CA GLU B 114 19.21 29.60 0.78
C GLU B 114 17.95 28.84 0.41
N GLN B 115 17.65 27.75 1.10
CA GLN B 115 16.50 26.92 0.80
C GLN B 115 16.51 26.50 -0.66
N SER B 116 17.56 25.78 -1.02
CA SER B 116 17.75 25.33 -2.40
C SER B 116 16.69 24.32 -2.84
N HIS B 117 15.92 23.76 -1.91
CA HIS B 117 14.93 22.76 -2.25
C HIS B 117 13.57 23.35 -2.56
N ILE B 118 13.46 24.68 -2.64
CA ILE B 118 12.23 25.35 -3.02
C ILE B 118 12.46 26.08 -4.33
N ALA B 119 11.57 25.85 -5.30
CA ALA B 119 11.80 26.34 -6.65
C ALA B 119 11.43 27.81 -6.79
N ARG B 120 10.19 28.18 -6.44
CA ARG B 120 9.70 29.53 -6.62
C ARG B 120 9.56 30.20 -5.25
N GLN B 121 10.26 31.31 -5.05
CA GLN B 121 10.22 32.06 -3.81
C GLN B 121 9.84 33.50 -4.08
N GLY B 122 8.96 34.06 -3.26
CA GLY B 122 8.47 35.40 -3.49
C GLY B 122 7.11 35.40 -4.16
N LYS B 123 6.81 36.43 -4.93
CA LYS B 123 5.53 36.49 -5.63
C LYS B 123 5.45 35.40 -6.69
N THR B 124 4.30 34.74 -6.78
CA THR B 124 4.07 33.69 -7.75
C THR B 124 2.65 33.81 -8.29
N VAL B 125 2.28 32.89 -9.18
CA VAL B 125 0.93 32.78 -9.70
C VAL B 125 0.78 31.41 -10.34
N THR B 126 -0.42 30.83 -10.23
CA THR B 126 -0.67 29.46 -10.65
C THR B 126 -2.04 29.37 -11.28
N ALA B 127 -2.27 28.35 -12.11
CA ALA B 127 -3.54 28.18 -12.77
C ALA B 127 -3.76 26.72 -13.13
N ILE B 128 -5.03 26.31 -13.18
CA ILE B 128 -5.43 24.97 -13.61
C ILE B 128 -6.70 25.09 -14.44
N ALA B 129 -6.99 24.03 -15.21
CA ALA B 129 -8.23 23.97 -15.97
C ALA B 129 -8.53 22.53 -16.32
N ALA B 130 -9.78 22.28 -16.74
CA ALA B 130 -10.22 20.96 -17.16
C ALA B 130 -11.46 21.13 -18.02
N THR B 131 -11.61 20.28 -19.03
CA THR B 131 -12.66 20.44 -20.03
C THR B 131 -13.48 19.17 -20.16
N LEU B 132 -14.79 19.34 -20.31
CA LEU B 132 -15.70 18.24 -20.54
C LEU B 132 -16.48 18.49 -21.83
N GLU B 133 -16.73 17.44 -22.58
CA GLU B 133 -17.49 17.53 -23.83
C GLU B 133 -18.47 16.39 -23.92
N ARG B 134 -19.73 16.69 -24.19
CA ARG B 134 -20.73 15.65 -24.40
C ARG B 134 -21.27 15.65 -25.82
N ASP B 135 -21.88 16.74 -26.27
CA ASP B 135 -22.31 16.85 -27.66
C ASP B 135 -22.51 18.34 -27.94
N GLY B 136 -21.52 18.95 -28.59
CA GLY B 136 -21.59 20.38 -28.82
C GLY B 136 -21.37 21.18 -27.56
N ALA B 137 -22.17 20.92 -26.53
CA ALA B 137 -22.03 21.63 -25.27
C ALA B 137 -20.66 21.35 -24.65
N GLN B 138 -20.15 22.34 -23.93
CA GLN B 138 -18.80 22.27 -23.37
C GLN B 138 -18.77 23.08 -22.09
N VAL B 139 -18.04 22.60 -21.09
CA VAL B 139 -17.88 23.31 -19.83
C VAL B 139 -16.41 23.30 -19.44
N ARG B 140 -16.02 24.28 -18.63
CA ARG B 140 -14.65 24.39 -18.14
C ARG B 140 -14.66 24.71 -16.66
N LEU B 141 -13.65 24.22 -15.96
CA LEU B 141 -13.47 24.45 -14.54
C LEU B 141 -12.13 25.12 -14.32
N GLY B 142 -12.01 25.94 -13.27
CA GLY B 142 -10.81 26.74 -13.14
C GLY B 142 -10.45 27.08 -11.71
N ALA B 143 -9.27 27.67 -11.57
CA ALA B 143 -8.75 28.10 -10.27
C ALA B 143 -7.51 28.95 -10.50
N VAL B 144 -7.40 30.06 -9.76
CA VAL B 144 -6.23 30.93 -9.78
C VAL B 144 -5.79 31.17 -8.34
N LEU B 145 -4.50 30.95 -8.07
CA LEU B 145 -3.95 31.09 -6.74
C LEU B 145 -2.65 31.88 -6.82
N TRP B 146 -2.38 32.72 -5.82
CA TRP B 146 -1.16 33.51 -5.85
C TRP B 146 -0.81 34.00 -4.45
N PHE B 147 0.45 34.39 -4.29
CA PHE B 147 0.99 34.97 -3.07
C PHE B 147 1.21 36.46 -3.25
N GLU B 148 1.76 37.10 -2.22
CA GLU B 148 2.04 38.53 -2.30
C GLU B 148 3.46 38.85 -1.88
N GLY B 149 4.00 38.07 -0.94
CA GLY B 149 5.30 38.35 -0.39
C GLY B 149 6.11 37.09 -0.14
N THR B 150 6.85 37.04 0.95
CA THR B 150 7.69 35.90 1.26
C THR B 150 7.09 35.00 2.33
N SER B 151 5.84 35.23 2.74
CA SER B 151 5.22 34.38 3.73
C SER B 151 4.84 33.04 3.13
N SER B 152 4.53 32.08 4.00
CA SER B 152 4.15 30.75 3.54
C SER B 152 2.96 30.17 4.31
N SER B 153 2.34 30.94 5.19
CA SER B 153 1.20 30.42 5.94
C SER B 153 0.00 30.23 5.04
N ALA B 154 -0.82 29.24 5.37
CA ALA B 154 -1.97 28.92 4.55
C ALA B 154 -3.02 30.02 4.50
N SER B 155 -2.96 30.98 5.42
CA SER B 155 -3.92 32.07 5.44
C SER B 155 -3.51 33.23 4.55
N ASP B 156 -2.31 33.20 3.96
CA ASP B 156 -1.84 34.26 3.09
C ASP B 156 -1.93 33.88 1.61
N LEU B 157 -2.67 32.83 1.30
CA LEU B 157 -2.78 32.30 -0.06
C LEU B 157 -4.16 32.68 -0.60
N LYS B 158 -4.21 33.70 -1.44
CA LYS B 158 -5.46 34.11 -2.05
C LYS B 158 -5.95 33.02 -3.00
N LYS B 159 -7.27 32.92 -3.15
CA LYS B 159 -7.87 31.90 -3.99
C LYS B 159 -9.08 32.48 -4.72
N LEU B 160 -9.40 31.88 -5.86
CA LEU B 160 -10.59 32.26 -6.63
C LEU B 160 -10.96 31.13 -7.56
N TRP B 161 -12.22 30.74 -7.56
CA TRP B 161 -12.70 29.61 -8.35
C TRP B 161 -13.65 30.10 -9.45
N LEU B 162 -13.63 29.40 -10.58
CA LEU B 162 -14.37 29.82 -11.76
C LEU B 162 -15.13 28.64 -12.35
N LEU B 163 -16.10 28.95 -13.21
CA LEU B 163 -16.88 27.95 -13.93
C LEU B 163 -17.54 28.63 -15.11
N SER B 164 -17.34 28.09 -16.30
CA SER B 164 -17.83 28.75 -17.50
C SER B 164 -18.20 27.73 -18.56
N GLU B 165 -19.07 28.15 -19.46
CA GLU B 165 -19.55 27.29 -20.55
C GLU B 165 -19.56 28.02 -21.87
N SER B 166 -18.62 28.95 -22.06
CA SER B 166 -18.54 29.69 -23.31
C SER B 166 -17.11 29.66 -23.83
N PRO B 167 -16.94 29.70 -25.15
CA PRO B 167 -15.58 29.78 -25.71
C PRO B 167 -14.98 31.15 -25.47
N GLU B 168 -13.82 31.39 -26.05
CA GLU B 168 -13.11 32.67 -25.92
C GLU B 168 -12.71 32.95 -24.49
N GLN B 169 -12.57 31.91 -23.66
CA GLN B 169 -12.13 32.06 -22.28
C GLN B 169 -11.17 30.91 -21.97
N THR B 170 -9.89 31.18 -22.13
CA THR B 170 -8.85 30.19 -21.93
C THR B 170 -7.96 30.61 -20.76
N LEU B 171 -6.94 29.79 -20.47
CA LEU B 171 -6.07 30.08 -19.35
C LEU B 171 -5.31 31.38 -19.56
N GLU B 172 -4.87 31.64 -20.79
CA GLU B 172 -4.12 32.85 -21.07
C GLU B 172 -4.96 34.09 -20.81
N HIS B 173 -6.25 34.03 -21.11
CA HIS B 173 -7.12 35.18 -20.86
C HIS B 173 -7.15 35.54 -19.39
N TRP B 174 -7.34 34.54 -18.52
CA TRP B 174 -7.36 34.80 -17.09
C TRP B 174 -6.03 35.35 -16.61
N LEU B 175 -4.92 34.77 -17.09
CA LEU B 175 -3.62 35.24 -16.62
C LEU B 175 -3.38 36.69 -17.03
N SER B 176 -3.76 37.04 -18.26
CA SER B 176 -3.60 38.43 -18.69
C SER B 176 -4.47 39.36 -17.86
N GLN B 177 -5.71 38.97 -17.58
CA GLN B 177 -6.58 39.81 -16.78
C GLN B 177 -6.01 40.02 -15.38
N HIS B 178 -5.48 38.96 -14.78
CA HIS B 178 -4.90 39.10 -13.46
C HIS B 178 -3.69 40.02 -13.48
N HIS B 179 -2.83 39.89 -14.48
CA HIS B 179 -1.67 40.76 -14.55
C HIS B 179 -2.06 42.21 -14.75
N ALA B 180 -3.13 42.47 -15.51
CA ALA B 180 -3.53 43.84 -15.75
C ALA B 180 -3.92 44.55 -14.45
N GLY B 181 -4.66 43.88 -13.59
CA GLY B 181 -5.08 44.46 -12.33
C GLY B 181 -4.87 43.54 -11.15
N GLY B 182 -5.93 43.26 -10.42
CA GLY B 182 -5.88 42.33 -9.30
C GLY B 182 -7.17 41.57 -9.23
N MET B 183 -7.53 41.11 -8.03
CA MET B 183 -8.76 40.37 -7.86
C MET B 183 -9.97 41.21 -8.24
N ARG B 184 -9.86 42.53 -8.12
CA ARG B 184 -10.93 43.39 -8.58
C ARG B 184 -11.14 43.24 -10.08
N ALA B 185 -10.05 43.17 -10.84
CA ALA B 185 -10.18 42.98 -12.28
C ALA B 185 -10.78 41.62 -12.61
N LEU B 186 -10.36 40.58 -11.89
CA LEU B 186 -10.86 39.24 -12.16
C LEU B 186 -12.35 39.14 -11.88
N ARG B 187 -12.78 39.56 -10.69
CA ARG B 187 -14.16 39.35 -10.31
C ARG B 187 -15.13 40.24 -11.09
N GLN B 188 -14.61 41.19 -11.87
CA GLN B 188 -15.46 42.08 -12.64
C GLN B 188 -15.86 41.49 -13.98
N MET B 189 -15.30 40.35 -14.38
CA MET B 189 -15.58 39.80 -15.70
C MET B 189 -17.05 39.42 -15.86
N GLU B 190 -17.72 39.09 -14.75
CA GLU B 190 -19.09 38.62 -14.84
C GLU B 190 -20.01 39.70 -15.41
N LYS B 191 -19.89 40.93 -14.90
CA LYS B 191 -20.73 42.01 -15.42
C LYS B 191 -20.36 42.37 -16.84
N ASP B 192 -19.10 42.20 -17.22
CA ASP B 192 -18.59 42.58 -18.52
C ASP B 192 -18.53 41.39 -19.48
N GLY B 193 -19.48 40.47 -19.37
CA GLY B 193 -19.46 39.31 -20.24
C GLY B 193 -20.70 38.46 -20.03
N MET B 194 -20.66 37.27 -20.61
CA MET B 194 -21.78 36.34 -20.53
C MET B 194 -21.25 34.92 -20.48
N GLY B 195 -21.82 34.11 -19.60
CA GLY B 195 -21.49 32.71 -19.54
C GLY B 195 -20.40 32.34 -18.56
N ILE B 196 -20.03 33.24 -17.64
CA ILE B 196 -19.03 32.93 -16.64
C ILE B 196 -19.58 33.28 -15.26
N TRP B 197 -19.03 32.64 -14.23
CA TRP B 197 -19.51 32.81 -12.86
C TRP B 197 -18.35 32.62 -11.89
N PRO B 198 -17.82 33.71 -11.34
CA PRO B 198 -16.77 33.58 -10.33
C PRO B 198 -17.35 33.33 -8.95
N TYR B 199 -16.67 32.49 -8.18
CA TYR B 199 -17.06 32.17 -6.81
C TYR B 199 -15.83 32.29 -5.91
N PRO B 200 -15.79 33.24 -4.98
CA PRO B 200 -14.64 33.34 -4.08
C PRO B 200 -14.68 32.39 -2.89
N SER B 201 -15.79 31.69 -2.65
CA SER B 201 -15.91 30.76 -1.54
C SER B 201 -16.14 29.35 -2.09
N LYS B 202 -15.33 28.40 -1.64
CA LYS B 202 -15.36 27.07 -2.26
C LYS B 202 -16.69 26.35 -2.03
N LYS B 203 -17.36 26.63 -0.91
CA LYS B 203 -18.59 25.90 -0.60
C LYS B 203 -19.69 26.21 -1.61
N ALA B 204 -19.88 27.49 -1.94
CA ALA B 204 -20.88 27.84 -2.94
C ALA B 204 -20.51 27.26 -4.30
N PHE B 205 -19.22 27.26 -4.62
CA PHE B 205 -18.76 26.69 -5.88
C PHE B 205 -19.16 25.22 -5.97
N LEU B 206 -18.90 24.45 -4.91
CA LEU B 206 -19.21 23.03 -4.96
C LEU B 206 -20.72 22.80 -4.96
N ALA B 207 -21.48 23.64 -4.26
CA ALA B 207 -22.93 23.49 -4.30
C ALA B 207 -23.45 23.70 -5.72
N ARG B 208 -22.96 24.74 -6.40
CA ARG B 208 -23.36 24.97 -7.78
C ARG B 208 -22.96 23.80 -8.67
N LEU B 209 -21.75 23.30 -8.48
CA LEU B 209 -21.28 22.19 -9.30
C LEU B 209 -22.16 20.97 -9.12
N ARG B 210 -22.46 20.62 -7.87
CA ARG B 210 -23.30 19.46 -7.60
C ARG B 210 -24.70 19.63 -8.17
N ASP B 211 -25.25 20.84 -8.10
CA ASP B 211 -26.56 21.06 -8.70
C ASP B 211 -26.51 20.93 -10.22
N TYR B 212 -25.38 21.25 -10.85
CA TYR B 212 -25.32 21.17 -12.31
C TYR B 212 -25.48 19.74 -12.81
N PHE B 213 -24.73 18.80 -12.24
CA PHE B 213 -24.72 17.43 -12.72
C PHE B 213 -25.78 16.54 -12.08
N GLU B 214 -26.49 17.04 -11.07
CA GLU B 214 -27.56 16.28 -10.40
C GLU B 214 -27.05 15.00 -9.76
N VAL B 215 -25.79 14.98 -9.34
CA VAL B 215 -25.25 13.84 -8.61
C VAL B 215 -25.61 13.94 -7.14
N GLY B 216 -25.33 12.88 -6.40
CA GLY B 216 -25.60 12.87 -4.97
C GLY B 216 -24.67 13.79 -4.20
N GLU B 217 -24.86 13.78 -2.88
CA GLU B 217 -24.16 14.74 -2.03
C GLU B 217 -22.68 14.44 -1.89
N ASN B 218 -22.30 13.16 -1.82
CA ASN B 218 -20.92 12.78 -1.60
C ASN B 218 -20.36 11.95 -2.75
N ALA B 219 -20.87 12.15 -3.96
CA ALA B 219 -20.40 11.38 -5.10
C ALA B 219 -18.93 11.65 -5.37
N PHE B 220 -18.53 12.93 -5.34
CA PHE B 220 -17.15 13.26 -5.70
C PHE B 220 -16.16 12.83 -4.63
N THR B 221 -16.56 12.85 -3.36
CA THR B 221 -15.69 12.30 -2.33
C THR B 221 -15.47 10.82 -2.53
N LEU B 222 -16.52 10.09 -2.91
CA LEU B 222 -16.37 8.68 -3.23
C LEU B 222 -15.44 8.49 -4.42
N LEU B 223 -15.56 9.35 -5.43
CA LEU B 223 -14.67 9.27 -6.58
C LEU B 223 -13.23 9.47 -6.16
N ASN B 224 -12.97 10.43 -5.28
CA ASN B 224 -11.62 10.62 -4.78
C ASN B 224 -11.12 9.40 -4.03
N ARG B 225 -11.99 8.79 -3.22
CA ARG B 225 -11.57 7.63 -2.44
C ARG B 225 -11.27 6.44 -3.33
N ALA B 226 -11.99 6.28 -4.44
CA ALA B 226 -11.84 5.11 -5.28
C ALA B 226 -10.51 5.06 -6.03
N ALA B 227 -9.72 6.13 -6.00
CA ALA B 227 -8.49 6.16 -6.77
C ALA B 227 -7.33 5.45 -6.10
N GLY B 228 -7.44 5.11 -4.82
CA GLY B 228 -6.30 4.50 -4.15
C GLY B 228 -6.65 3.47 -3.10
N LEU B 229 -7.86 2.93 -3.16
CA LEU B 229 -8.32 1.97 -2.17
C LEU B 229 -8.14 0.57 -2.72
N LYS B 230 -7.35 -0.24 -2.02
CA LYS B 230 -7.04 -1.60 -2.44
C LYS B 230 -7.28 -2.57 -1.29
N GLN B 231 -8.30 -2.31 -0.47
CA GLN B 231 -8.55 -3.10 0.73
C GLN B 231 -9.91 -2.71 1.27
N LEU B 232 -10.71 -3.70 1.66
CA LEU B 232 -12.06 -3.47 2.15
C LEU B 232 -12.20 -4.03 3.55
N ASN B 233 -12.80 -3.25 4.45
CA ASN B 233 -12.96 -3.65 5.84
C ASN B 233 -14.40 -3.91 6.24
N SER B 234 -15.35 -3.13 5.74
CA SER B 234 -16.75 -3.35 6.08
C SER B 234 -17.62 -2.63 5.07
N ILE B 235 -18.56 -3.36 4.46
CA ILE B 235 -19.40 -2.78 3.44
C ILE B 235 -20.33 -1.73 4.03
N ASP B 236 -20.87 -2.00 5.22
CA ASP B 236 -21.84 -1.09 5.80
C ASP B 236 -21.24 0.27 6.12
N GLU B 237 -19.96 0.33 6.47
CA GLU B 237 -19.33 1.63 6.69
C GLU B 237 -19.44 2.49 5.44
N ILE B 238 -19.07 1.93 4.29
CA ILE B 238 -19.13 2.66 3.03
C ILE B 238 -20.56 3.01 2.68
N PHE B 239 -21.48 2.05 2.86
CA PHE B 239 -22.85 2.30 2.44
C PHE B 239 -23.59 3.27 3.37
N ARG B 240 -23.11 3.47 4.58
CA ARG B 240 -23.74 4.41 5.50
C ARG B 240 -23.07 5.78 5.54
N GLU B 241 -21.78 5.85 5.17
CA GLU B 241 -21.06 7.11 5.23
C GLU B 241 -21.09 7.89 3.93
N LEU B 242 -20.98 7.21 2.79
CA LEU B 242 -20.80 7.88 1.51
C LEU B 242 -21.94 7.66 0.52
N VAL B 243 -22.31 6.40 0.28
CA VAL B 243 -23.21 6.11 -0.84
C VAL B 243 -24.60 6.67 -0.57
N LEU B 244 -25.15 6.43 0.60
CA LEU B 244 -26.53 6.79 0.89
C LEU B 244 -26.60 8.20 1.46
N ASP B 245 -27.69 8.88 1.14
CA ASP B 245 -27.94 10.24 1.60
C ASP B 245 -28.65 10.24 2.95
N ASP B 246 -28.73 11.42 3.55
CA ASP B 246 -29.28 11.58 4.89
C ASP B 246 -30.72 12.08 4.79
N ARG B 247 -31.65 11.34 5.40
CA ARG B 247 -33.05 11.74 5.46
C ARG B 247 -33.67 11.42 6.81
N SER B 248 -32.89 11.52 7.88
CA SER B 248 -33.39 11.19 9.21
C SER B 248 -34.55 12.10 9.60
N ALA B 249 -35.39 11.61 10.51
CA ALA B 249 -36.61 12.30 10.92
C ALA B 249 -36.46 12.97 12.28
N PHE B 250 -35.26 13.47 12.60
CA PHE B 250 -35.05 14.11 13.89
C PHE B 250 -35.94 15.35 14.05
N GLU B 251 -36.04 16.16 12.99
CA GLU B 251 -36.78 17.41 13.10
C GLU B 251 -38.25 17.18 13.37
N ARG B 252 -38.86 16.27 12.61
CA ARG B 252 -40.28 16.00 12.80
C ARG B 252 -40.54 15.41 14.18
N ALA B 253 -39.66 14.52 14.64
CA ALA B 253 -39.82 13.94 15.97
C ALA B 253 -39.73 15.00 17.05
N ALA B 254 -38.76 15.90 16.94
CA ALA B 254 -38.64 16.98 17.92
C ALA B 254 -39.88 17.85 17.90
N GLU B 255 -40.41 18.14 16.71
CA GLU B 255 -41.62 18.96 16.62
C GLU B 255 -42.79 18.27 17.31
N VAL B 256 -42.95 16.96 17.07
CA VAL B 256 -44.05 16.22 17.70
C VAL B 256 -43.89 16.21 19.21
N ALA B 257 -42.66 16.02 19.70
CA ALA B 257 -42.42 16.03 21.14
C ALA B 257 -42.76 17.37 21.74
N SER B 258 -42.40 18.45 21.05
CA SER B 258 -42.69 19.79 21.56
C SER B 258 -44.13 20.22 21.29
N SER B 259 -44.91 19.43 20.57
CA SER B 259 -46.30 19.78 20.27
C SER B 259 -47.18 19.85 21.52
N PHE B 260 -46.74 19.29 22.64
CA PHE B 260 -47.52 19.36 23.87
C PHE B 260 -47.03 20.47 24.79
N THR B 875 -49.00 7.28 14.45
CA THR B 875 -48.03 8.30 14.10
C THR B 875 -47.47 8.05 12.71
N GLN B 876 -47.48 9.08 11.87
CA GLN B 876 -47.02 8.97 10.49
C GLN B 876 -45.51 8.81 10.38
N LEU B 877 -44.78 9.03 11.47
CA LEU B 877 -43.33 8.92 11.45
C LEU B 877 -42.90 7.52 11.01
N LEU B 878 -43.55 6.50 11.56
CA LEU B 878 -43.18 5.13 11.25
C LEU B 878 -43.47 4.79 9.79
N SER B 879 -44.60 5.26 9.26
CA SER B 879 -44.90 5.02 7.86
C SER B 879 -43.88 5.70 6.96
N TYR B 880 -43.47 6.91 7.33
CA TYR B 880 -42.43 7.60 6.57
C TYR B 880 -41.14 6.79 6.56
N ILE B 881 -40.75 6.28 7.73
CA ILE B 881 -39.52 5.47 7.81
C ILE B 881 -39.65 4.22 6.96
N ASP B 882 -40.82 3.58 6.98
CA ASP B 882 -41.01 2.38 6.17
C ASP B 882 -40.89 2.67 4.68
N HIS B 883 -41.48 3.78 4.23
CA HIS B 883 -41.36 4.13 2.82
C HIS B 883 -39.91 4.35 2.43
N GLU B 884 -39.16 5.05 3.29
CA GLU B 884 -37.76 5.31 2.98
C GLU B 884 -36.93 4.03 2.97
N VAL B 885 -37.26 3.05 3.82
CA VAL B 885 -36.50 1.80 3.76
C VAL B 885 -36.97 0.91 2.61
N SER B 886 -38.16 1.14 2.06
CA SER B 886 -38.56 0.39 0.88
C SER B 886 -37.85 0.87 -0.38
N MET B 887 -37.64 2.19 -0.49
CA MET B 887 -36.97 2.71 -1.68
C MET B 887 -35.58 2.10 -1.85
N ILE B 888 -34.86 1.91 -0.75
CA ILE B 888 -33.51 1.36 -0.84
C ILE B 888 -33.53 -0.04 -1.42
N GLU B 889 -34.46 -0.87 -0.96
CA GLU B 889 -34.59 -2.22 -1.51
C GLU B 889 -34.90 -2.17 -2.99
N GLU B 890 -35.79 -1.27 -3.39
CA GLU B 890 -36.14 -1.18 -4.81
C GLU B 890 -34.93 -0.83 -5.66
N ARG B 891 -34.07 0.08 -5.19
CA ARG B 891 -32.86 0.40 -5.96
C ARG B 891 -31.88 -0.78 -5.99
N LEU B 892 -31.70 -1.45 -4.84
CA LEU B 892 -30.74 -2.55 -4.80
C LEU B 892 -31.15 -3.68 -5.73
N ASP B 893 -32.45 -3.87 -5.92
CA ASP B 893 -32.89 -4.92 -6.84
C ASP B 893 -32.36 -4.69 -8.24
N ASP B 894 -32.53 -3.46 -8.76
CA ASP B 894 -32.06 -3.16 -10.10
C ASP B 894 -30.54 -3.22 -10.20
N LEU B 895 -29.86 -2.78 -9.14
CA LEU B 895 -28.40 -2.86 -9.15
C LEU B 895 -27.94 -4.31 -9.26
N ASN B 896 -28.55 -5.21 -8.50
CA ASN B 896 -28.21 -6.62 -8.61
C ASN B 896 -28.51 -7.15 -10.00
N SER B 897 -29.64 -6.74 -10.57
CA SER B 897 -30.00 -7.22 -11.89
C SER B 897 -28.95 -6.87 -12.93
N THR B 898 -28.46 -5.63 -12.89
CA THR B 898 -27.44 -5.26 -13.88
C THR B 898 -26.05 -5.78 -13.53
N MET B 899 -25.78 -6.13 -12.27
CA MET B 899 -24.51 -6.76 -11.95
C MET B 899 -24.48 -8.23 -12.31
N GLN B 900 -25.65 -8.85 -12.49
CA GLN B 900 -25.69 -10.29 -12.75
C GLN B 900 -24.89 -10.69 -13.98
N ARG B 901 -24.78 -9.80 -14.98
CA ARG B 901 -24.26 -10.20 -16.28
C ARG B 901 -22.76 -10.45 -16.31
N VAL B 902 -22.02 -10.07 -15.28
CA VAL B 902 -20.57 -10.15 -15.28
C VAL B 902 -20.12 -11.36 -14.46
N ASP B 903 -19.09 -12.05 -14.93
CA ASP B 903 -18.59 -13.25 -14.27
C ASP B 903 -17.43 -12.88 -13.35
N PHE B 904 -17.70 -12.88 -12.04
CA PHE B 904 -16.66 -12.63 -11.05
C PHE B 904 -15.61 -13.72 -11.04
N GLN B 905 -15.93 -14.89 -11.54
CA GLN B 905 -15.03 -16.04 -11.60
C GLN B 905 -15.45 -16.86 -12.82
N PRO B 906 -14.81 -18.01 -13.10
CA PRO B 906 -15.18 -18.75 -14.32
C PRO B 906 -16.67 -19.03 -14.47
N GLY B 907 -17.39 -19.33 -13.39
CA GLY B 907 -18.81 -19.60 -13.53
C GLY B 907 -19.66 -19.03 -12.42
N ARG B 908 -19.19 -17.94 -11.80
CA ARG B 908 -19.82 -17.40 -10.61
C ARG B 908 -19.98 -15.89 -10.75
N TYR B 909 -20.98 -15.34 -10.05
CA TYR B 909 -21.24 -13.92 -10.07
C TYR B 909 -21.65 -13.47 -8.68
N LEU B 910 -21.57 -12.15 -8.44
CA LEU B 910 -21.85 -11.58 -7.13
C LEU B 910 -23.30 -11.14 -7.02
N ARG B 911 -23.68 -10.73 -5.81
CA ARG B 911 -25.01 -10.23 -5.49
C ARG B 911 -24.96 -9.58 -4.12
N LEU B 912 -25.61 -8.43 -3.99
CA LEU B 912 -25.69 -7.73 -2.72
C LEU B 912 -26.96 -8.12 -1.98
N VAL B 913 -26.82 -8.36 -0.67
CA VAL B 913 -27.91 -8.84 0.16
C VAL B 913 -28.04 -7.92 1.37
N ALA B 914 -29.26 -7.44 1.62
CA ALA B 914 -29.55 -6.59 2.76
C ALA B 914 -30.64 -7.23 3.62
N LYS B 915 -30.46 -7.17 4.93
CA LYS B 915 -31.38 -7.77 5.89
C LYS B 915 -31.81 -6.74 6.91
N LYS B 916 -32.96 -6.98 7.53
CA LYS B 916 -33.55 -6.06 8.49
C LYS B 916 -33.23 -6.50 9.91
N VAL B 917 -32.93 -5.53 10.77
CA VAL B 917 -32.67 -5.79 12.18
C VAL B 917 -33.60 -4.93 13.02
N ILE B 918 -33.86 -5.39 14.24
CA ILE B 918 -34.77 -4.71 15.16
C ILE B 918 -34.03 -4.51 16.48
N HIS B 919 -33.95 -3.26 16.93
CA HIS B 919 -33.29 -2.94 18.18
C HIS B 919 -34.31 -2.90 19.31
N GLU B 920 -33.80 -2.81 20.54
CA GLU B 920 -34.67 -2.82 21.69
C GLU B 920 -35.46 -1.53 21.83
N SER B 921 -34.93 -0.43 21.30
CA SER B 921 -35.57 0.87 21.50
C SER B 921 -36.97 0.90 20.90
N LEU B 922 -37.14 0.29 19.72
CA LEU B 922 -38.45 0.26 19.10
C LEU B 922 -39.45 -0.54 19.94
N ARG B 923 -38.97 -1.63 20.56
CA ARG B 923 -39.85 -2.43 21.39
C ARG B 923 -40.41 -1.62 22.54
N THR B 924 -39.57 -0.80 23.18
CA THR B 924 -40.04 0.03 24.27
C THR B 924 -41.11 1.00 23.80
N LEU B 925 -40.92 1.60 22.63
CA LEU B 925 -41.91 2.53 22.12
C LEU B 925 -43.24 1.84 21.84
N GLN B 926 -43.18 0.66 21.24
CA GLN B 926 -44.42 -0.07 20.98
C GLN B 926 -45.11 -0.46 22.27
N HIS B 927 -44.33 -0.86 23.27
CA HIS B 927 -44.91 -1.20 24.58
C HIS B 927 -45.56 0.02 25.21
N ALA B 928 -44.92 1.19 25.10
CA ALA B 928 -45.51 2.40 25.64
C ALA B 928 -46.81 2.73 24.93
N GLN B 929 -46.83 2.58 23.60
CA GLN B 929 -48.05 2.85 22.85
C GLN B 929 -49.19 1.94 23.29
N ARG B 930 -48.90 0.64 23.42
CA ARG B 930 -49.97 -0.29 23.79
C ARG B 930 -50.43 -0.03 25.22
N GLN B 931 -49.50 0.32 26.12
CA GLN B 931 -49.88 0.64 27.49
C GLN B 931 -50.76 1.87 27.54
N LEU B 932 -50.43 2.89 26.76
CA LEU B 932 -51.28 4.08 26.72
C LEU B 932 -52.66 3.74 26.17
N ASN B 933 -52.71 2.92 25.11
CA ASN B 933 -53.99 2.56 24.53
C ASN B 933 -54.85 1.81 25.54
N SER B 934 -54.24 0.89 26.28
CA SER B 934 -54.98 0.11 27.26
C SER B 934 -55.26 0.87 28.55
N ALA B 935 -54.59 2.00 28.78
CA ALA B 935 -54.78 2.73 30.02
C ALA B 935 -56.16 3.35 30.09
N ARG B 936 -56.60 4.00 29.03
CA ARG B 936 -57.90 4.64 29.02
C ARG B 936 -59.01 3.63 28.75
N LYS B 947 -52.99 9.39 33.52
CA LYS B 947 -52.09 10.00 32.54
C LYS B 947 -50.79 9.21 32.41
N ALA B 948 -50.54 8.69 31.21
CA ALA B 948 -49.31 7.95 30.92
C ALA B 948 -48.52 8.59 29.78
N LEU B 949 -48.87 9.81 29.39
CA LEU B 949 -48.21 10.46 28.27
C LEU B 949 -46.79 10.90 28.60
N GLN B 950 -46.41 10.91 29.87
CA GLN B 950 -45.08 11.41 30.22
C GLN B 950 -43.98 10.53 29.66
N ALA B 951 -44.17 9.20 29.70
CA ALA B 951 -43.10 8.30 29.30
C ALA B 951 -42.82 8.40 27.80
N LEU B 952 -43.88 8.46 26.99
CA LEU B 952 -43.69 8.54 25.55
C LEU B 952 -42.94 9.81 25.17
N VAL B 953 -43.35 10.94 25.74
CA VAL B 953 -42.67 12.20 25.43
C VAL B 953 -41.24 12.18 25.94
N GLY B 954 -41.01 11.57 27.11
CA GLY B 954 -39.65 11.48 27.61
C GLY B 954 -38.76 10.67 26.69
N LEU B 955 -39.28 9.56 26.17
CA LEU B 955 -38.50 8.74 25.25
C LEU B 955 -38.17 9.51 23.98
N LEU B 956 -39.17 10.21 23.41
CA LEU B 956 -38.92 10.99 22.21
C LEU B 956 -37.89 12.08 22.47
N LYS B 957 -37.98 12.75 23.62
CA LYS B 957 -37.05 13.82 23.93
C LYS B 957 -35.63 13.28 24.13
N ASP B 958 -35.51 12.13 24.78
CA ASP B 958 -34.20 11.51 24.92
C ASP B 958 -33.61 11.15 23.56
N ALA B 959 -34.45 10.64 22.67
CA ALA B 959 -33.97 10.32 21.32
C ALA B 959 -33.48 11.57 20.61
N CYS B 960 -34.24 12.66 20.68
CA CYS B 960 -33.81 13.89 20.01
C CYS B 960 -32.63 14.55 20.72
N GLU B 961 -32.35 14.18 21.97
CA GLU B 961 -31.26 14.80 22.71
C GLU B 961 -29.91 14.25 22.28
N HIS B 962 -29.67 12.96 22.50
CA HIS B 962 -28.38 12.35 22.21
C HIS B 962 -28.47 11.69 20.83
N SER B 963 -28.26 12.51 19.80
CA SER B 963 -28.31 12.06 18.42
C SER B 963 -26.98 11.53 17.92
N ARG B 964 -26.11 11.08 18.82
CA ARG B 964 -24.84 10.49 18.42
C ARG B 964 -24.59 9.17 19.15
N ASN B 965 -25.66 8.49 19.57
CA ASN B 965 -25.56 7.17 20.16
C ASN B 965 -26.37 6.18 19.33
N GLN B 966 -25.79 5.01 19.09
CA GLN B 966 -26.44 4.00 18.26
C GLN B 966 -27.76 3.55 18.84
N GLY B 967 -27.98 3.73 20.14
CA GLY B 967 -29.26 3.36 20.72
C GLY B 967 -30.40 4.17 20.15
N ALA B 968 -30.22 5.49 20.05
CA ALA B 968 -31.27 6.36 19.52
C ALA B 968 -31.14 6.58 18.03
N LYS B 969 -29.92 6.54 17.49
CA LYS B 969 -29.74 6.74 16.06
C LYS B 969 -30.42 5.63 15.26
N ALA B 970 -30.32 4.38 15.73
CA ALA B 970 -30.99 3.27 15.08
C ALA B 970 -32.50 3.31 15.24
N LEU B 971 -33.02 4.18 16.10
CA LEU B 971 -34.46 4.28 16.23
C LEU B 971 -35.06 5.16 15.15
N LEU B 972 -34.35 6.21 14.73
CA LEU B 972 -34.92 7.22 13.87
C LEU B 972 -34.21 7.42 12.54
N ASP B 973 -33.07 6.77 12.31
CA ASP B 973 -32.36 6.95 11.05
C ASP B 973 -32.58 5.73 10.16
N PRO B 974 -33.30 5.84 9.05
CA PRO B 974 -33.58 4.65 8.24
C PRO B 974 -32.34 3.97 7.68
N ARG B 975 -31.23 4.67 7.54
CA ARG B 975 -30.01 4.01 7.07
C ARG B 975 -29.50 2.98 8.06
N PHE B 976 -29.85 3.09 9.34
CA PHE B 976 -29.35 2.21 10.38
C PHE B 976 -30.31 1.08 10.70
N ARG B 977 -31.40 0.94 9.98
CA ARG B 977 -32.30 -0.18 10.19
C ARG B 977 -31.96 -1.38 9.32
N LEU B 978 -30.90 -1.31 8.53
CA LEU B 978 -30.54 -2.37 7.59
C LEU B 978 -29.12 -2.85 7.84
N GLU B 979 -28.83 -4.05 7.35
CA GLU B 979 -27.51 -4.65 7.44
C GLU B 979 -27.11 -5.19 6.07
N PHE B 980 -25.86 -4.96 5.68
CA PHE B 980 -25.40 -5.25 4.34
C PHE B 980 -24.31 -6.31 4.32
N ALA B 981 -24.30 -7.12 3.26
CA ALA B 981 -23.28 -8.13 3.03
C ALA B 981 -23.39 -8.60 1.58
N VAL B 982 -22.34 -9.26 1.11
CA VAL B 982 -22.29 -9.79 -0.25
C VAL B 982 -22.25 -11.31 -0.20
N SER B 983 -22.59 -11.93 -1.33
CA SER B 983 -22.56 -13.38 -1.42
C SER B 983 -22.19 -13.78 -2.84
N VAL B 984 -21.62 -14.97 -2.97
CA VAL B 984 -21.17 -15.50 -4.26
C VAL B 984 -22.15 -16.58 -4.69
N ILE B 985 -22.67 -16.45 -5.90
CA ILE B 985 -23.67 -17.36 -6.43
C ILE B 985 -23.21 -17.81 -7.80
N ASP B 986 -23.25 -19.12 -8.04
CA ASP B 986 -22.84 -19.66 -9.33
C ASP B 986 -24.05 -20.01 -10.18
N ARG B 987 -23.84 -20.05 -11.48
CA ARG B 987 -24.91 -20.37 -12.41
C ARG B 987 -25.13 -21.88 -12.41
N GLU B 988 -25.92 -22.37 -13.36
CA GLU B 988 -26.18 -23.80 -13.52
C GLU B 988 -26.79 -24.38 -12.24
N GLY B 989 -28.04 -24.00 -12.00
CA GLY B 989 -28.69 -24.38 -10.76
C GLY B 989 -28.28 -23.49 -9.62
N ASN B 990 -28.68 -22.22 -9.69
CA ASN B 990 -28.28 -21.18 -8.75
C ASN B 990 -28.25 -21.71 -7.32
N ASN B 991 -27.09 -21.59 -6.69
CA ASN B 991 -26.90 -22.18 -5.36
C ASN B 991 -25.83 -21.38 -4.63
N LEU B 992 -26.16 -20.96 -3.41
CA LEU B 992 -25.23 -20.18 -2.62
C LEU B 992 -23.99 -21.00 -2.28
N ILE B 993 -22.82 -20.38 -2.36
CA ILE B 993 -21.57 -21.06 -2.07
C ILE B 993 -20.74 -20.38 -1.00
N GLU B 994 -20.88 -19.07 -0.77
CA GLU B 994 -20.07 -18.38 0.23
C GLU B 994 -20.66 -17.01 0.48
N THR B 995 -20.77 -16.63 1.75
CA THR B 995 -21.21 -15.30 2.13
C THR B 995 -20.11 -14.59 2.89
N ARG B 996 -20.03 -13.28 2.71
CA ARG B 996 -18.88 -12.53 3.17
C ARG B 996 -19.30 -11.11 3.53
N THR B 997 -18.59 -10.52 4.49
CA THR B 997 -18.87 -9.16 4.94
C THR B 997 -17.64 -8.26 4.91
N GLY B 998 -16.54 -8.74 4.37
CA GLY B 998 -15.32 -7.95 4.31
C GLY B 998 -14.20 -8.80 3.78
N SER B 999 -13.10 -8.13 3.44
CA SER B 999 -11.96 -8.80 2.83
C SER B 999 -10.94 -9.29 3.85
N GLN B 1000 -11.38 -9.62 5.07
CA GLN B 1000 -10.45 -10.11 6.07
C GLN B 1000 -9.96 -11.52 5.74
N GLY B 1001 -8.67 -11.74 5.91
CA GLY B 1001 -8.09 -13.05 5.77
C GLY B 1001 -7.87 -13.52 4.34
N GLY B 1002 -8.12 -12.69 3.35
CA GLY B 1002 -8.01 -13.10 1.97
C GLY B 1002 -6.58 -13.14 1.49
N SER B 1003 -6.42 -13.44 0.20
CA SER B 1003 -5.10 -13.46 -0.40
C SER B 1003 -4.71 -12.07 -0.86
N GLY B 1004 -3.52 -11.96 -1.45
CA GLY B 1004 -3.07 -10.67 -1.93
C GLY B 1004 -3.89 -10.13 -3.08
N GLY B 1005 -4.32 -11.02 -3.98
CA GLY B 1005 -5.02 -10.58 -5.17
C GLY B 1005 -6.52 -10.57 -5.05
N GLU B 1006 -7.07 -11.33 -4.11
CA GLU B 1006 -8.52 -11.37 -3.94
C GLU B 1006 -9.04 -10.06 -3.38
N LYS B 1007 -8.30 -9.44 -2.47
CA LYS B 1007 -8.73 -8.19 -1.88
C LYS B 1007 -8.91 -7.12 -2.94
N GLU B 1008 -7.98 -7.04 -3.89
CA GLU B 1008 -8.03 -5.99 -4.89
C GLU B 1008 -9.27 -6.11 -5.77
N ILE B 1009 -9.59 -7.32 -6.23
CA ILE B 1009 -10.73 -7.49 -7.11
C ILE B 1009 -12.03 -7.27 -6.36
N ILE B 1010 -12.12 -7.75 -5.12
CA ILE B 1010 -13.33 -7.50 -4.33
C ILE B 1010 -13.55 -6.01 -4.16
N ALA B 1011 -12.49 -5.27 -3.79
CA ALA B 1011 -12.62 -3.84 -3.60
C ALA B 1011 -13.03 -3.14 -4.88
N SER B 1012 -12.43 -3.53 -6.01
CA SER B 1012 -12.76 -2.88 -7.27
C SER B 1012 -14.23 -3.08 -7.61
N TYR B 1013 -14.72 -4.32 -7.47
CA TYR B 1013 -16.12 -4.60 -7.78
C TYR B 1013 -17.05 -3.77 -6.91
N VAL B 1014 -16.83 -3.79 -5.59
CA VAL B 1014 -17.74 -3.08 -4.70
C VAL B 1014 -17.72 -1.59 -5.00
N LEU B 1015 -16.52 -1.03 -5.20
CA LEU B 1015 -16.43 0.42 -5.40
C LEU B 1015 -17.07 0.84 -6.71
N THR B 1016 -16.89 0.08 -7.78
CA THR B 1016 -17.52 0.49 -9.04
C THR B 1016 -19.03 0.36 -8.97
N ALA B 1017 -19.54 -0.65 -8.26
CA ALA B 1017 -20.99 -0.72 -8.07
C ALA B 1017 -21.49 0.49 -7.31
N SER B 1018 -20.78 0.88 -6.24
CA SER B 1018 -21.19 2.04 -5.46
C SER B 1018 -21.18 3.31 -6.29
N LEU B 1019 -20.15 3.48 -7.12
CA LEU B 1019 -20.09 4.67 -7.97
C LEU B 1019 -21.25 4.71 -8.95
N SER B 1020 -21.58 3.57 -9.57
CA SER B 1020 -22.71 3.56 -10.47
C SER B 1020 -23.99 3.89 -9.76
N TYR B 1021 -24.11 3.51 -8.48
CA TYR B 1021 -25.29 3.90 -7.71
C TYR B 1021 -25.30 5.40 -7.46
N ALA B 1022 -24.17 5.95 -7.00
CA ALA B 1022 -24.15 7.34 -6.56
C ALA B 1022 -24.37 8.31 -7.71
N LEU B 1023 -23.75 8.04 -8.87
CA LEU B 1023 -23.84 9.00 -9.96
C LEU B 1023 -25.23 9.08 -10.58
N CYS B 1024 -26.19 8.29 -10.11
CA CYS B 1024 -27.57 8.38 -10.59
C CYS B 1024 -28.49 8.00 -9.45
N PRO B 1025 -28.93 8.98 -8.65
CA PRO B 1025 -29.67 8.65 -7.42
C PRO B 1025 -30.96 7.90 -7.65
N ASP B 1026 -31.65 8.18 -8.75
CA ASP B 1026 -32.98 7.62 -8.99
C ASP B 1026 -32.94 6.70 -10.20
N GLY B 1027 -34.12 6.23 -10.60
CA GLY B 1027 -34.26 5.35 -11.74
C GLY B 1027 -34.36 6.04 -13.07
N SER B 1028 -34.21 7.37 -13.11
CA SER B 1028 -34.29 8.11 -14.36
C SER B 1028 -33.11 7.81 -15.28
N SER B 1029 -32.07 7.14 -14.79
CA SER B 1029 -30.90 6.77 -15.59
C SER B 1029 -30.26 8.01 -16.21
N ARG B 1030 -29.53 7.81 -17.30
CA ARG B 1030 -28.83 8.87 -18.00
C ARG B 1030 -27.90 9.63 -17.06
N PRO B 1031 -26.81 9.01 -16.62
CA PRO B 1031 -25.84 9.74 -15.82
C PRO B 1031 -25.26 10.90 -16.62
N LEU B 1032 -25.01 12.01 -15.94
CA LEU B 1032 -24.42 13.17 -16.58
C LEU B 1032 -22.93 13.32 -16.32
N PHE B 1033 -22.31 12.36 -15.65
CA PHE B 1033 -20.88 12.36 -15.41
C PHE B 1033 -20.39 10.93 -15.54
N GLY B 1034 -19.38 10.70 -16.37
CA GLY B 1034 -19.02 9.34 -16.71
C GLY B 1034 -17.56 8.97 -16.75
N THR B 1035 -16.72 9.56 -15.90
CA THR B 1035 -15.30 9.24 -15.89
C THR B 1035 -14.90 8.69 -14.53
N ILE B 1036 -13.83 7.91 -14.53
CA ILE B 1036 -13.27 7.34 -13.30
C ILE B 1036 -11.80 7.06 -13.56
N VAL B 1037 -10.96 7.31 -12.56
CA VAL B 1037 -9.53 7.11 -12.70
C VAL B 1037 -9.05 6.08 -11.69
N LEU B 1038 -7.95 5.42 -12.02
CA LEU B 1038 -7.29 4.47 -11.15
C LEU B 1038 -5.81 4.78 -11.10
N ASP B 1039 -5.19 4.53 -9.96
CA ASP B 1039 -3.77 4.80 -9.77
C ASP B 1039 -3.05 3.51 -9.39
N GLN B 1040 -1.88 3.29 -9.99
CA GLN B 1040 -1.12 2.06 -9.81
C GLN B 1040 -1.98 0.85 -10.11
N ALA B 1041 -2.63 0.88 -11.27
CA ALA B 1041 -3.58 -0.16 -11.62
C ALA B 1041 -2.90 -1.52 -11.73
N PHE B 1042 -3.55 -2.55 -11.23
CA PHE B 1042 -3.10 -3.94 -11.30
C PHE B 1042 -1.68 -4.07 -10.76
N SER B 1043 -1.52 -3.79 -9.47
CA SER B 1043 -0.21 -3.86 -8.85
C SER B 1043 0.04 -5.14 -8.09
N ARG B 1044 -1.01 -5.92 -7.78
CA ARG B 1044 -0.82 -7.13 -6.99
C ARG B 1044 -1.62 -8.30 -7.54
N SER B 1045 -1.83 -8.38 -8.85
CA SER B 1045 -2.65 -9.42 -9.43
C SER B 1045 -2.01 -9.94 -10.69
N SER B 1046 -2.61 -10.98 -11.26
CA SER B 1046 -2.11 -11.64 -12.46
C SER B 1046 -2.89 -11.21 -13.69
N HIS B 1047 -2.66 -11.88 -14.81
CA HIS B 1047 -3.23 -11.47 -16.08
C HIS B 1047 -4.75 -11.61 -16.09
N ALA B 1048 -5.26 -12.78 -15.69
CA ALA B 1048 -6.69 -13.03 -15.79
C ALA B 1048 -7.49 -12.11 -14.90
N VAL B 1049 -6.98 -11.82 -13.70
CA VAL B 1049 -7.67 -10.93 -12.78
C VAL B 1049 -7.81 -9.54 -13.38
N ALA B 1050 -6.73 -9.04 -13.98
CA ALA B 1050 -6.79 -7.73 -14.61
C ALA B 1050 -7.80 -7.73 -15.76
N GLY B 1051 -7.81 -8.79 -16.56
CA GLY B 1051 -8.79 -8.86 -17.63
C GLY B 1051 -10.20 -8.79 -17.11
N ARG B 1052 -10.48 -9.50 -16.01
CA ARG B 1052 -11.84 -9.49 -15.48
C ARG B 1052 -12.20 -8.13 -14.90
N ILE B 1053 -11.25 -7.46 -14.26
CA ILE B 1053 -11.53 -6.11 -13.75
C ILE B 1053 -11.90 -5.17 -14.89
N ILE B 1054 -11.13 -5.22 -15.98
CA ILE B 1054 -11.41 -4.33 -17.10
C ILE B 1054 -12.78 -4.64 -17.71
N ALA B 1055 -13.11 -5.93 -17.82
CA ALA B 1055 -14.43 -6.28 -18.33
C ALA B 1055 -15.53 -5.74 -17.44
N ALA B 1056 -15.35 -5.83 -16.13
CA ALA B 1056 -16.34 -5.31 -15.20
C ALA B 1056 -16.54 -3.82 -15.39
N LEU B 1057 -15.44 -3.07 -15.53
CA LEU B 1057 -15.57 -1.63 -15.75
C LEU B 1057 -16.30 -1.34 -17.04
N ARG B 1058 -15.99 -2.07 -18.10
CA ARG B 1058 -16.63 -1.80 -19.39
C ARG B 1058 -18.11 -2.13 -19.35
N GLU B 1059 -18.52 -3.09 -18.51
CA GLU B 1059 -19.92 -3.49 -18.50
C GLU B 1059 -20.85 -2.37 -18.04
N PHE B 1060 -20.50 -1.69 -16.95
CA PHE B 1060 -21.39 -0.69 -16.39
C PHE B 1060 -21.53 0.54 -17.26
N GLY B 1061 -20.58 0.79 -18.15
CA GLY B 1061 -20.65 1.95 -19.01
C GLY B 1061 -19.91 3.14 -18.46
N LEU B 1062 -18.65 2.95 -18.10
CA LEU B 1062 -17.81 4.00 -17.55
C LEU B 1062 -16.58 4.18 -18.41
N HIS B 1063 -16.19 5.44 -18.63
CA HIS B 1063 -14.99 5.79 -19.39
C HIS B 1063 -13.85 5.99 -18.39
N ALA B 1064 -12.77 5.23 -18.57
CA ALA B 1064 -11.73 5.14 -17.56
C ALA B 1064 -10.36 5.41 -18.14
N VAL B 1065 -9.46 5.85 -17.26
CA VAL B 1065 -8.05 6.04 -17.60
C VAL B 1065 -7.21 5.29 -16.57
N PHE B 1066 -6.05 4.81 -17.01
CA PHE B 1066 -5.21 3.95 -16.19
C PHE B 1066 -3.82 4.56 -16.04
N ILE B 1067 -3.18 4.27 -14.92
CA ILE B 1067 -1.84 4.76 -14.61
C ILE B 1067 -0.96 3.57 -14.27
N THR B 1068 0.19 3.46 -14.93
CA THR B 1068 1.03 2.29 -14.76
C THR B 1068 2.50 2.66 -14.87
N PRO B 1069 3.35 2.21 -13.96
CA PRO B 1069 4.78 2.54 -14.07
C PRO B 1069 5.47 1.77 -15.19
N ASN B 1070 4.94 1.89 -16.41
CA ASN B 1070 5.51 1.26 -17.60
C ASN B 1070 5.47 -0.26 -17.49
N LYS B 1071 4.25 -0.80 -17.31
CA LYS B 1071 4.05 -2.23 -17.18
C LYS B 1071 2.74 -2.62 -17.84
N GLU B 1072 2.61 -3.91 -18.15
CA GLU B 1072 1.38 -4.48 -18.68
C GLU B 1072 0.95 -3.80 -19.97
N MET B 1073 1.88 -3.65 -20.90
CA MET B 1073 1.58 -2.93 -22.13
C MET B 1073 0.71 -3.77 -23.05
N ARG B 1074 0.95 -5.07 -23.13
CA ARG B 1074 0.22 -5.91 -24.06
C ARG B 1074 -1.27 -5.92 -23.74
N LEU B 1075 -1.61 -6.04 -22.46
CA LEU B 1075 -3.01 -6.00 -22.08
C LEU B 1075 -3.63 -4.64 -22.38
N LEU B 1076 -2.88 -3.56 -22.13
CA LEU B 1076 -3.44 -2.23 -22.34
C LEU B 1076 -3.72 -1.97 -23.81
N ARG B 1077 -2.86 -2.45 -24.70
CA ARG B 1077 -2.99 -2.06 -26.10
C ARG B 1077 -4.28 -2.52 -26.74
N HIS B 1078 -4.93 -3.56 -26.20
CA HIS B 1078 -6.17 -4.03 -26.80
C HIS B 1078 -7.33 -3.10 -26.49
N HIS B 1079 -7.42 -2.63 -25.25
CA HIS B 1079 -8.61 -1.92 -24.78
C HIS B 1079 -8.42 -0.41 -24.72
N THR B 1080 -7.32 0.10 -25.25
CA THR B 1080 -6.99 1.52 -25.12
C THR B 1080 -6.51 2.05 -26.46
N ARG B 1081 -6.78 3.33 -26.71
CA ARG B 1081 -6.41 3.92 -28.00
C ARG B 1081 -5.82 5.33 -27.81
N SER B 1082 -4.88 5.46 -26.89
CA SER B 1082 -4.14 6.71 -26.69
C SER B 1082 -3.01 6.43 -25.70
N ALA B 1083 -2.22 7.46 -25.44
CA ALA B 1083 -1.15 7.37 -24.45
C ALA B 1083 -0.64 8.77 -24.16
N VAL B 1084 -0.02 8.94 -22.98
CA VAL B 1084 0.57 10.20 -22.56
C VAL B 1084 1.87 9.88 -21.82
N VAL B 1085 3.00 10.26 -22.40
CA VAL B 1085 4.31 9.89 -21.86
C VAL B 1085 4.90 11.08 -21.11
N VAL B 1086 5.29 10.86 -19.86
CA VAL B 1086 5.87 11.90 -19.01
C VAL B 1086 7.33 11.55 -18.74
N HIS B 1087 8.22 12.52 -18.95
CA HIS B 1087 9.63 12.31 -18.70
C HIS B 1087 10.19 13.53 -17.99
N ARG B 1088 11.17 13.29 -17.13
CA ARG B 1088 11.75 14.34 -16.30
C ARG B 1088 13.27 14.30 -16.38
N ARG B 1089 13.87 15.44 -16.71
CA ARG B 1089 15.31 15.59 -16.74
C ARG B 1089 15.70 16.74 -15.83
N GLY B 1090 16.71 16.52 -14.99
CA GLY B 1090 17.08 17.55 -14.05
C GLY B 1090 16.01 17.78 -13.02
N VAL B 1091 15.26 18.87 -13.15
CA VAL B 1091 14.18 19.19 -12.22
C VAL B 1091 12.88 19.56 -12.93
N GLU B 1092 12.87 19.61 -14.26
CA GLU B 1092 11.69 20.00 -15.03
C GLU B 1092 11.09 18.79 -15.73
N SER B 1093 9.77 18.74 -15.80
CA SER B 1093 9.06 17.64 -16.42
C SER B 1093 8.38 18.09 -17.70
N SER B 1094 7.92 17.12 -18.49
CA SER B 1094 7.34 17.43 -19.80
C SER B 1094 6.36 16.33 -20.21
N LEU B 1095 5.51 16.66 -21.17
CA LEU B 1095 4.44 15.78 -21.62
C LEU B 1095 4.48 15.63 -23.14
N VAL B 1096 4.22 14.41 -23.61
CA VAL B 1096 4.07 14.12 -25.04
C VAL B 1096 2.81 13.29 -25.22
N SER B 1097 2.22 13.35 -26.42
CA SER B 1097 0.96 12.68 -26.68
C SER B 1097 1.04 11.84 -27.94
N LEU B 1098 0.28 10.75 -27.96
CA LEU B 1098 0.26 9.78 -29.06
C LEU B 1098 -1.18 9.38 -29.34
N SER B 1099 -1.36 8.48 -30.31
CA SER B 1099 -2.64 7.88 -30.62
C SER B 1099 -2.43 6.82 -31.69
N TRP B 1100 -3.42 5.95 -31.85
CA TRP B 1100 -3.37 4.91 -32.87
C TRP B 1100 -4.79 4.46 -33.18
N GLU B 1101 -4.93 3.74 -34.28
CA GLU B 1101 -6.23 3.29 -34.75
C GLU B 1101 -6.12 2.07 -35.65
N ALA C 422 4.96 -16.79 -20.76
CA ALA C 422 5.14 -15.35 -20.69
C ALA C 422 6.61 -14.98 -20.72
N PHE C 423 7.40 -15.73 -21.48
CA PHE C 423 8.83 -15.52 -21.56
C PHE C 423 9.16 -14.40 -22.55
N ASP C 424 10.45 -14.15 -22.72
CA ASP C 424 10.99 -13.23 -23.72
C ASP C 424 10.54 -11.80 -23.47
N GLY C 425 9.28 -11.50 -23.74
CA GLY C 425 8.76 -10.15 -23.56
C GLY C 425 9.45 -9.14 -24.45
N LEU C 426 10.29 -8.31 -23.87
CA LEU C 426 11.05 -7.31 -24.61
C LEU C 426 12.50 -7.33 -24.14
N ASP C 427 13.41 -7.07 -25.07
CA ASP C 427 14.83 -7.02 -24.78
C ASP C 427 15.32 -5.59 -25.02
N ARG C 428 15.63 -4.88 -23.94
CA ARG C 428 15.99 -3.47 -24.07
C ARG C 428 17.39 -3.32 -24.67
N GLU C 429 18.35 -4.11 -24.19
CA GLU C 429 19.74 -3.92 -24.61
C GLU C 429 19.91 -4.12 -26.11
N ALA C 430 19.27 -5.17 -26.65
CA ALA C 430 19.35 -5.42 -28.07
C ALA C 430 18.77 -4.27 -28.88
N LEU C 431 17.62 -3.74 -28.44
CA LEU C 431 17.01 -2.63 -29.16
C LEU C 431 17.91 -1.40 -29.13
N ILE C 432 18.50 -1.11 -27.98
CA ILE C 432 19.40 0.05 -27.87
C ILE C 432 20.59 -0.13 -28.81
N HIS C 433 21.19 -1.33 -28.80
CA HIS C 433 22.37 -1.55 -29.64
C HIS C 433 22.03 -1.44 -31.12
N ASP C 434 20.89 -2.00 -31.53
CA ASP C 434 20.50 -1.91 -32.93
C ASP C 434 20.23 -0.48 -33.33
N THR C 435 19.57 0.29 -32.46
CA THR C 435 19.31 1.69 -32.77
C THR C 435 20.62 2.46 -32.91
N LEU C 436 21.58 2.21 -32.02
CA LEU C 436 22.86 2.89 -32.11
C LEU C 436 23.59 2.52 -33.40
N ALA C 437 23.57 1.24 -33.76
CA ALA C 437 24.23 0.82 -34.99
C ALA C 437 23.62 1.48 -36.21
N VAL C 438 22.29 1.51 -36.28
CA VAL C 438 21.64 2.15 -37.43
C VAL C 438 21.98 3.63 -37.47
N LEU C 439 21.96 4.30 -36.32
CA LEU C 439 22.24 5.73 -36.30
C LEU C 439 23.66 6.04 -36.74
N VAL C 440 24.64 5.26 -36.25
CA VAL C 440 26.01 5.53 -36.65
C VAL C 440 26.22 5.18 -38.11
N GLU C 441 25.48 4.20 -38.64
CA GLU C 441 25.63 3.83 -40.04
C GLU C 441 25.09 4.94 -40.95
N GLN C 442 23.90 5.45 -40.64
CA GLN C 442 23.25 6.40 -41.54
C GLN C 442 24.02 7.72 -41.59
N GLY C 443 24.43 8.24 -40.44
CA GLY C 443 25.18 9.48 -40.41
C GLY C 443 24.38 10.73 -40.66
N ARG C 444 23.06 10.65 -40.68
CA ARG C 444 22.19 11.79 -40.90
C ARG C 444 21.06 11.73 -39.90
N PRO C 445 20.41 12.86 -39.60
CA PRO C 445 19.25 12.84 -38.70
C PRO C 445 18.14 11.94 -39.25
N VAL C 446 17.51 11.21 -38.34
CA VAL C 446 16.48 10.22 -38.69
C VAL C 446 15.24 10.50 -37.85
N SER C 447 14.09 10.56 -38.51
CA SER C 447 12.83 10.70 -37.81
C SER C 447 12.31 9.33 -37.41
N LEU C 448 11.16 9.30 -36.72
CA LEU C 448 10.63 8.03 -36.23
C LEU C 448 10.16 7.15 -37.38
N GLY C 449 9.59 7.75 -38.42
CA GLY C 449 9.04 6.94 -39.51
C GLY C 449 10.10 6.10 -40.20
N GLU C 450 11.22 6.71 -40.57
CA GLU C 450 12.27 5.97 -41.24
C GLU C 450 12.89 4.93 -40.30
N LEU C 451 13.06 5.28 -39.03
CA LEU C 451 13.65 4.33 -38.09
C LEU C 451 12.78 3.11 -37.94
N ALA C 452 11.46 3.31 -37.86
CA ALA C 452 10.55 2.18 -37.78
C ALA C 452 10.55 1.37 -39.07
N SER C 453 10.58 2.06 -40.22
CA SER C 453 10.54 1.35 -41.51
C SER C 453 11.78 0.49 -41.71
N LEU C 454 12.96 1.02 -41.39
CA LEU C 454 14.18 0.25 -41.58
C LEU C 454 14.27 -0.89 -40.59
N LEU C 455 13.80 -0.69 -39.37
CA LEU C 455 13.88 -1.67 -38.31
C LEU C 455 12.49 -1.86 -37.71
N PRO C 456 11.64 -2.65 -38.36
CA PRO C 456 10.28 -2.88 -37.85
C PRO C 456 10.32 -3.52 -36.48
N PRO C 457 9.43 -3.11 -35.57
CA PRO C 457 9.43 -3.66 -34.22
C PRO C 457 8.53 -4.87 -34.08
N ALA C 458 8.90 -5.73 -33.13
CA ALA C 458 8.07 -6.88 -32.81
C ALA C 458 6.73 -6.44 -32.21
N HIS C 459 6.77 -5.49 -31.29
CA HIS C 459 5.57 -4.91 -30.69
C HIS C 459 5.48 -3.45 -31.12
N ASP C 460 4.31 -3.05 -31.60
CA ASP C 460 4.15 -1.68 -32.08
C ASP C 460 4.38 -0.67 -30.97
N LEU C 461 3.85 -0.94 -29.78
CA LEU C 461 4.15 -0.11 -28.62
C LEU C 461 5.39 -0.67 -27.93
N GLU C 462 5.73 -0.08 -26.78
CA GLU C 462 6.92 -0.43 -26.01
C GLU C 462 8.20 -0.13 -26.76
N THR C 463 8.08 0.28 -28.02
CA THR C 463 9.21 0.65 -28.86
C THR C 463 9.27 2.14 -29.10
N PHE C 464 8.15 2.73 -29.51
CA PHE C 464 8.08 4.19 -29.63
C PHE C 464 8.34 4.85 -28.28
N ALA C 465 7.91 4.23 -27.19
CA ALA C 465 8.14 4.80 -25.87
C ALA C 465 9.62 4.91 -25.56
N LEU C 466 10.39 3.86 -25.86
CA LEU C 466 11.82 3.90 -25.58
C LEU C 466 12.52 4.97 -26.41
N TRP C 467 12.17 5.08 -27.69
CA TRP C 467 12.79 6.08 -28.54
C TRP C 467 12.46 7.49 -28.05
N LEU C 468 11.20 7.73 -27.68
CA LEU C 468 10.84 9.05 -27.18
C LEU C 468 11.55 9.34 -25.86
N ALA C 469 11.72 8.33 -25.01
CA ALA C 469 12.45 8.53 -23.78
C ALA C 469 13.90 8.94 -24.06
N MET C 470 14.53 8.27 -25.01
CA MET C 470 15.90 8.65 -25.36
C MET C 470 15.95 10.06 -25.91
N ALA C 471 14.98 10.42 -26.76
CA ALA C 471 14.98 11.74 -27.37
C ALA C 471 14.82 12.83 -26.32
N ARG C 472 13.90 12.64 -25.36
CA ARG C 472 13.73 13.65 -24.33
C ARG C 472 14.91 13.69 -23.37
N GLU C 473 15.54 12.55 -23.11
CA GLU C 473 16.63 12.51 -22.14
C GLU C 473 17.88 13.18 -22.70
N ALA C 474 18.24 12.87 -23.94
CA ALA C 474 19.46 13.42 -24.50
C ALA C 474 19.37 14.92 -24.76
N GLY C 475 18.17 15.48 -24.80
CA GLY C 475 17.99 16.91 -24.98
C GLY C 475 17.54 17.34 -26.36
N ILE C 476 17.25 16.41 -27.26
CA ILE C 476 16.78 16.78 -28.59
C ILE C 476 15.39 17.38 -28.49
N GLU C 477 15.17 18.49 -29.21
CA GLU C 477 13.85 19.10 -29.23
C GLU C 477 12.83 18.16 -29.83
N VAL C 478 11.62 18.19 -29.29
CA VAL C 478 10.52 17.37 -29.75
C VAL C 478 9.43 18.32 -30.26
N LEU C 479 9.34 18.47 -31.57
CA LEU C 479 8.28 19.28 -32.15
C LEU C 479 6.94 18.55 -32.03
N THR C 480 5.89 19.33 -31.80
CA THR C 480 4.56 18.75 -31.63
C THR C 480 3.49 19.41 -32.48
N GLU C 481 3.83 20.43 -33.25
CA GLU C 481 2.85 21.12 -34.08
C GLU C 481 2.59 20.42 -35.40
N GLU C 482 3.43 19.46 -35.79
CA GLU C 482 3.27 18.74 -37.04
C GLU C 482 3.30 17.25 -36.74
N ARG C 483 2.68 16.47 -37.63
CA ARG C 483 2.47 15.06 -37.39
C ARG C 483 3.05 14.22 -38.52
N GLN C 484 3.35 12.98 -38.19
CA GLN C 484 3.88 12.00 -39.12
C GLN C 484 3.06 10.72 -39.00
N PHE C 485 2.75 10.09 -40.13
CA PHE C 485 1.87 8.92 -40.14
C PHE C 485 2.67 7.67 -40.50
N VAL C 486 2.48 6.61 -39.73
CA VAL C 486 3.14 5.34 -39.93
C VAL C 486 2.09 4.24 -39.95
N GLU C 487 2.15 3.37 -40.96
CA GLU C 487 1.19 2.28 -41.12
C GLU C 487 1.91 0.95 -40.89
N LEU C 488 1.32 0.10 -40.05
CA LEU C 488 1.91 -1.18 -39.70
C LEU C 488 0.85 -2.26 -39.72
N VAL C 489 1.31 -3.51 -39.84
CA VAL C 489 0.45 -4.68 -39.81
C VAL C 489 1.01 -5.67 -38.79
N ASP C 490 0.15 -6.13 -37.88
CA ASP C 490 0.57 -7.04 -36.82
C ASP C 490 0.70 -8.46 -37.38
N GLU C 491 0.97 -9.42 -36.50
CA GLU C 491 1.11 -10.81 -36.93
C GLU C 491 -0.18 -11.33 -37.52
N ASP C 492 -1.30 -11.05 -36.87
CA ASP C 492 -2.60 -11.57 -37.32
C ASP C 492 -3.28 -10.55 -38.23
N GLU C 493 -2.59 -10.23 -39.32
CA GLU C 493 -3.08 -9.30 -40.33
C GLU C 493 -3.47 -7.97 -39.72
N GLN C 494 -4.64 -7.45 -40.11
CA GLN C 494 -5.16 -6.18 -39.62
C GLN C 494 -4.24 -5.02 -39.99
N ARG C 495 -4.61 -3.82 -39.56
CA ARG C 495 -3.82 -2.63 -39.82
C ARG C 495 -3.88 -1.71 -38.62
N TRP C 496 -2.86 -0.88 -38.47
CA TRP C 496 -2.80 0.11 -37.41
C TRP C 496 -2.17 1.36 -37.95
N GLY C 497 -2.80 2.51 -37.68
CA GLY C 497 -2.24 3.78 -38.07
C GLY C 497 -1.85 4.62 -36.87
N PHE C 498 -0.57 4.96 -36.77
CA PHE C 498 -0.06 5.70 -35.62
C PHE C 498 0.15 7.16 -35.99
N ASN C 499 -0.28 8.05 -35.11
CA ASN C 499 -0.20 9.49 -35.33
C ASN C 499 0.97 10.09 -34.53
N LEU C 500 2.17 9.62 -34.85
CA LEU C 500 3.34 9.99 -34.07
C LEU C 500 3.74 11.45 -34.31
N PRO C 501 4.38 12.09 -33.32
CA PRO C 501 4.89 13.45 -33.54
C PRO C 501 6.19 13.43 -34.31
N TYR C 502 6.81 14.60 -34.50
CA TYR C 502 8.02 14.73 -35.30
C TYR C 502 9.22 14.86 -34.36
N VAL C 503 10.15 13.92 -34.45
CA VAL C 503 11.37 13.93 -33.66
C VAL C 503 12.55 13.60 -34.57
N GLY C 504 13.63 14.35 -34.43
CA GLY C 504 14.82 14.08 -35.21
C GLY C 504 15.97 13.55 -34.39
N LEU C 505 16.29 12.28 -34.54
CA LEU C 505 17.36 11.66 -33.79
C LEU C 505 18.66 11.68 -34.58
N ASP C 506 19.77 11.81 -33.86
CA ASP C 506 21.10 11.76 -34.48
C ASP C 506 22.07 11.11 -33.51
N HIS C 507 23.17 10.61 -34.07
CA HIS C 507 24.17 9.92 -33.26
C HIS C 507 24.98 10.88 -32.40
N GLU C 508 25.23 12.09 -32.89
CA GLU C 508 26.16 12.99 -32.20
C GLU C 508 25.62 13.41 -30.84
N ALA C 509 24.33 13.69 -30.74
CA ALA C 509 23.79 14.25 -29.51
C ALA C 509 23.90 13.25 -28.35
N LEU C 510 23.59 11.98 -28.59
CA LEU C 510 23.53 10.98 -27.54
C LEU C 510 24.67 9.98 -27.61
N LYS C 511 25.81 10.40 -28.16
CA LYS C 511 26.94 9.48 -28.32
C LYS C 511 27.69 9.22 -27.04
N ASP C 512 27.54 10.06 -26.02
CA ASP C 512 28.34 9.97 -24.81
C ASP C 512 27.46 10.11 -23.57
N ILE C 513 26.34 9.41 -23.55
CA ILE C 513 25.44 9.40 -22.40
C ILE C 513 25.22 7.96 -21.98
N ASP C 514 25.42 7.68 -20.70
CA ASP C 514 25.23 6.33 -20.18
C ASP C 514 23.74 5.98 -20.13
N TRP C 515 23.47 4.69 -20.13
CA TRP C 515 22.09 4.21 -20.10
C TRP C 515 21.91 3.14 -19.02
PG AGS F . -1.13 -14.29 -3.75
S1G AGS F . -2.51 -13.16 -4.52
O2G AGS F . -0.36 -13.52 -2.64
O3G AGS F . -0.13 -14.70 -4.86
PB AGS F . -0.97 -16.30 -2.01
O1B AGS F . -0.20 -17.40 -2.61
O2B AGS F . -0.11 -15.24 -1.36
O3B AGS F . -1.77 -15.57 -3.14
PA AGS F . -2.03 -18.37 -0.62
O1A AGS F . -2.16 -19.09 -1.89
O2A AGS F . -0.84 -18.75 0.27
O3A AGS F . -1.93 -16.83 -0.88
O5' AGS F . -3.37 -18.60 0.14
C5' AGS F . -4.55 -18.05 -0.43
C4' AGS F . -5.61 -19.11 -0.53
O4' AGS F . -5.63 -19.88 0.71
C3' AGS F . -7.02 -18.56 -0.67
O3' AGS F . -7.86 -19.51 -1.31
C2' AGS F . -7.44 -18.37 0.78
O2' AGS F . -8.86 -18.37 0.91
C1' AGS F . -6.83 -19.61 1.41
N9 AGS F . -6.51 -19.50 2.83
C8 AGS F . -5.35 -19.92 3.44
N7 AGS F . -5.32 -19.70 4.72
C5 AGS F . -6.54 -19.10 4.99
C6 AGS F . -7.13 -18.62 6.19
N6 AGS F . -6.53 -18.67 7.37
N1 AGS F . -8.36 -18.07 6.10
C2 AGS F . -8.96 -18.02 4.91
N3 AGS F . -8.51 -18.44 3.72
C4 AGS F . -7.28 -18.98 3.83
MG MG G . 0.84 -13.73 -0.60
PG AGS H . 5.74 6.94 -9.02
S1G AGS H . 4.20 6.94 -7.84
O2G AGS H . 5.30 6.51 -10.43
O3G AGS H . 6.81 5.96 -8.49
PB AGS H . 5.37 9.57 -9.29
O1B AGS H . 5.74 10.35 -10.48
O2B AGS H . 3.97 8.95 -9.37
O3B AGS H . 6.35 8.37 -9.08
PA AGS H . 5.45 12.05 -8.14
O1A AGS H . 4.63 12.55 -9.25
O2A AGS H . 5.04 12.59 -6.77
O3A AGS H . 5.36 10.48 -8.02
O5' AGS H . 6.95 12.36 -8.47
C5' AGS H . 7.41 13.72 -8.59
C4' AGS H . 8.59 13.92 -7.68
O4' AGS H . 8.55 15.26 -7.16
C3' AGS H . 8.58 13.02 -6.45
O3' AGS H . 9.28 11.82 -6.73
C2' AGS H . 9.35 13.84 -5.42
O2' AGS H . 10.74 13.60 -5.52
C1' AGS H . 9.00 15.28 -5.82
N9 AGS H . 7.97 15.91 -4.99
C8 AGS H . 6.80 16.47 -5.44
N7 AGS H . 6.07 16.98 -4.48
C5 AGS H . 6.80 16.74 -3.34
C6 AGS H . 6.57 17.04 -1.98
N6 AGS H . 5.47 17.67 -1.54
N1 AGS H . 7.50 16.67 -1.09
C2 AGS H . 8.59 16.04 -1.52
N3 AGS H . 8.92 15.71 -2.77
C4 AGS H . 7.98 16.09 -3.64
MG MG I . 2.16 7.93 -7.65
#